data_8ZAQ
#
_entry.id   8ZAQ
#
loop_
_entity.id
_entity.type
_entity.pdbx_description
1 polymer 'C110T class2'
2 non-polymer 'POTASSIUM ION'
3 non-polymer RETINAL
4 water water
#
_entity_poly.entity_id   1
_entity_poly.type   'polypeptide(L)'
_entity_poly.pdbx_seq_one_letter_code
;PFYDSRPPEGWPKGSINDMDYPLLGSICAVCCVFVAGSGIWMLYRLDLGMGYSCKPYKSGRAPEVNSLSGIICLLCGTMY
AAKSFDFFDGGGTPFSLNWYWYLDYVFTTPLLILDFAFTLDLPHKIRYFFAVFLTLWCGVAAFVTPSAYRFAYYALGCCW
FTPFALSLMRHVKERYLVYPPKCQRWLFWACVIFFGFWPMFPILFIFSWLGTGHISQQAFYIIHAFLDLTCKSIFGILMT
VFRLELEEHTEVQGLPLNE
;
_entity_poly.pdbx_strand_id   A,B,C
#
loop_
_chem_comp.id
_chem_comp.type
_chem_comp.name
_chem_comp.formula
K non-polymer 'POTASSIUM ION' 'K 1'
RET non-polymer RETINAL 'C20 H28 O'
#
# COMPACT_ATOMS: atom_id res chain seq x y z
N PRO A 1 -2.71 -3.22 15.45
CA PRO A 1 -1.83 -4.36 15.72
C PRO A 1 -1.51 -4.50 17.21
N PHE A 2 -2.16 -3.68 18.02
CA PHE A 2 -1.75 -3.51 19.40
C PHE A 2 -2.56 -4.38 20.34
N TYR A 3 -1.88 -5.02 21.26
CA TYR A 3 -2.45 -5.80 22.35
C TYR A 3 -1.99 -5.30 23.71
N ASP A 4 -0.77 -4.81 23.82
CA ASP A 4 -0.23 -4.36 25.08
C ASP A 4 -0.64 -2.91 25.36
N SER A 5 -0.52 -2.53 26.62
CA SER A 5 -0.81 -1.17 27.05
C SER A 5 0.02 -0.87 28.29
N ARG A 6 0.19 0.41 28.57
CA ARG A 6 0.90 0.80 29.78
C ARG A 6 0.06 0.42 30.99
N PRO A 7 0.63 -0.27 31.98
CA PRO A 7 -0.14 -0.68 33.15
C PRO A 7 -0.68 0.53 33.90
N PRO A 8 -1.82 0.39 34.58
CA PRO A 8 -2.38 1.52 35.33
C PRO A 8 -1.41 2.12 36.33
N GLU A 9 -0.57 1.30 36.95
CA GLU A 9 0.46 1.77 37.86
C GLU A 9 1.71 2.24 37.15
N GLY A 10 1.74 2.16 35.82
CA GLY A 10 2.89 2.54 35.03
C GLY A 10 3.71 1.33 34.60
N TRP A 11 4.69 1.62 33.75
CA TRP A 11 5.56 0.57 33.26
C TRP A 11 6.34 -0.05 34.41
N PRO A 12 6.52 -1.37 34.43
CA PRO A 12 7.30 -1.99 35.50
C PRO A 12 8.72 -1.44 35.55
N LYS A 13 9.22 -1.22 36.75
CA LYS A 13 10.54 -0.64 36.93
C LYS A 13 11.60 -1.64 36.49
N GLY A 14 12.54 -1.18 35.66
CA GLY A 14 13.55 -2.04 35.11
C GLY A 14 13.22 -2.68 33.78
N SER A 15 12.01 -2.47 33.27
CA SER A 15 11.62 -3.01 31.98
C SER A 15 12.16 -2.14 30.86
N ILE A 16 12.06 -2.63 29.61
CA ILE A 16 12.54 -1.87 28.47
C ILE A 16 11.69 -0.65 28.19
N ASN A 17 10.46 -0.60 28.69
CA ASN A 17 9.58 0.55 28.52
C ASN A 17 9.70 1.56 29.66
N ASP A 18 10.52 1.27 30.67
CA ASP A 18 10.75 2.20 31.78
C ASP A 18 11.81 3.21 31.33
N MET A 19 11.39 4.12 30.46
CA MET A 19 12.28 5.08 29.82
C MET A 19 11.99 6.48 30.33
N ASP A 20 12.79 7.44 29.85
CA ASP A 20 12.60 8.86 30.13
C ASP A 20 11.68 9.40 29.05
N TYR A 21 10.39 9.42 29.35
CA TYR A 21 9.37 9.74 28.35
C TYR A 21 9.27 11.23 28.04
N PRO A 22 9.39 12.14 29.01
CA PRO A 22 9.49 13.56 28.64
C PRO A 22 10.68 13.86 27.73
N LEU A 23 11.83 13.25 28.02
CA LEU A 23 13.01 13.47 27.18
C LEU A 23 12.83 12.88 25.79
N LEU A 24 12.30 11.66 25.71
CA LEU A 24 12.07 11.02 24.42
C LEU A 24 11.04 11.81 23.61
N GLY A 25 10.00 12.32 24.27
CA GLY A 25 9.01 13.13 23.57
C GLY A 25 9.58 14.45 23.09
N SER A 26 10.42 15.10 23.89
CA SER A 26 11.07 16.32 23.44
C SER A 26 12.00 16.08 22.26
N ILE A 27 12.76 14.98 22.29
CA ILE A 27 13.60 14.64 21.16
C ILE A 27 12.77 14.36 19.92
N CYS A 28 11.66 13.64 20.08
CA CYS A 28 10.78 13.37 18.95
C CYS A 28 10.14 14.63 18.41
N ALA A 29 9.78 15.58 19.27
CA ALA A 29 9.21 16.83 18.81
C ALA A 29 10.23 17.66 18.03
N VAL A 30 11.47 17.73 18.53
CA VAL A 30 12.51 18.46 17.82
C VAL A 30 12.78 17.80 16.48
N CYS A 31 12.85 16.46 16.44
CA CYS A 31 13.04 15.77 15.18
C CYS A 31 11.88 16.01 14.22
N CYS A 32 10.65 16.00 14.74
CA CYS A 32 9.48 16.29 13.91
C CYS A 32 9.60 17.67 13.28
N VAL A 33 9.93 18.67 14.09
CA VAL A 33 10.04 20.03 13.56
C VAL A 33 11.12 20.10 12.49
N PHE A 34 12.30 19.52 12.77
CA PHE A 34 13.41 19.64 11.83
C PHE A 34 13.11 18.90 10.52
N VAL A 35 12.61 17.67 10.61
CA VAL A 35 12.38 16.88 9.41
C VAL A 35 11.22 17.45 8.60
N ALA A 36 10.15 17.89 9.26
CA ALA A 36 9.04 18.50 8.54
C ALA A 36 9.47 19.81 7.88
N GLY A 37 10.27 20.63 8.56
CA GLY A 37 10.77 21.84 7.93
C GLY A 37 11.70 21.56 6.77
N SER A 38 12.53 20.51 6.88
CA SER A 38 13.38 20.13 5.77
C SER A 38 12.56 19.69 4.55
N GLY A 39 11.50 18.91 4.79
CA GLY A 39 10.62 18.53 3.69
C GLY A 39 9.88 19.69 3.08
N ILE A 40 9.43 20.63 3.91
CA ILE A 40 8.75 21.82 3.40
C ILE A 40 9.71 22.65 2.55
N TRP A 41 10.95 22.81 3.00
CA TRP A 41 11.94 23.51 2.19
C TRP A 41 12.23 22.76 0.90
N MET A 42 12.29 21.42 0.97
CA MET A 42 12.53 20.63 -0.23
C MET A 42 11.44 20.88 -1.27
N LEU A 43 10.18 20.83 -0.84
CA LEU A 43 9.08 21.06 -1.78
C LEU A 43 9.05 22.50 -2.29
N TYR A 44 9.32 23.47 -1.42
CA TYR A 44 9.35 24.86 -1.84
C TYR A 44 10.46 25.11 -2.86
N ARG A 45 11.66 24.58 -2.59
CA ARG A 45 12.77 24.73 -3.51
C ARG A 45 12.50 24.02 -4.83
N LEU A 46 11.83 22.87 -4.77
CA LEU A 46 11.45 22.17 -5.99
C LEU A 46 10.47 22.99 -6.81
N ASP A 47 9.51 23.64 -6.15
CA ASP A 47 8.57 24.51 -6.85
C ASP A 47 9.20 25.81 -7.33
N LEU A 48 10.36 26.19 -6.78
CA LEU A 48 11.01 27.42 -7.22
C LEU A 48 11.47 27.35 -8.68
N GLY A 49 11.95 26.19 -9.11
CA GLY A 49 12.44 26.04 -10.47
C GLY A 49 13.54 25.01 -10.59
N MET A 50 14.12 24.87 -11.78
CA MET A 50 15.19 23.91 -12.02
C MET A 50 16.55 24.56 -11.79
N GLY A 51 17.37 23.92 -10.97
CA GLY A 51 18.72 24.38 -10.75
C GLY A 51 18.80 25.55 -9.80
N TYR A 52 20.04 26.04 -9.62
CA TYR A 52 20.27 27.21 -8.79
C TYR A 52 19.72 28.47 -9.41
N SER A 53 19.59 28.51 -10.74
CA SER A 53 19.03 29.67 -11.43
C SER A 53 17.51 29.71 -11.37
N CYS A 54 16.88 28.65 -10.86
CA CYS A 54 15.42 28.58 -10.75
C CYS A 54 14.75 28.79 -12.11
N LYS A 55 15.24 28.05 -13.10
CA LYS A 55 14.66 28.12 -14.43
C LYS A 55 13.23 27.57 -14.40
N PRO A 56 12.25 28.31 -14.89
CA PRO A 56 10.86 27.82 -14.84
C PRO A 56 10.67 26.53 -15.61
N TYR A 57 9.83 25.66 -15.07
CA TYR A 57 9.50 24.41 -15.76
C TYR A 57 8.71 24.70 -17.03
N LYS A 58 8.98 23.92 -18.07
CA LYS A 58 8.27 24.10 -19.33
C LYS A 58 6.78 23.83 -19.15
N SER A 59 6.42 22.81 -18.39
CA SER A 59 5.03 22.50 -18.12
C SER A 59 4.46 23.30 -16.96
N GLY A 60 5.29 24.11 -16.29
CA GLY A 60 4.85 24.92 -15.17
C GLY A 60 4.84 24.22 -13.84
N ARG A 61 5.14 22.91 -13.81
CA ARG A 61 5.15 22.15 -12.58
C ARG A 61 6.34 21.19 -12.60
N ALA A 62 6.82 20.86 -11.41
CA ALA A 62 7.93 19.94 -11.28
C ALA A 62 7.50 18.51 -11.55
N PRO A 63 8.44 17.64 -11.91
CA PRO A 63 8.10 16.21 -12.01
C PRO A 63 7.59 15.66 -10.68
N GLU A 64 6.61 14.77 -10.76
CA GLU A 64 5.95 14.29 -9.55
C GLU A 64 6.89 13.48 -8.67
N VAL A 65 7.78 12.68 -9.26
CA VAL A 65 8.73 11.90 -8.48
C VAL A 65 9.77 12.77 -7.80
N ASN A 66 10.00 13.99 -8.28
CA ASN A 66 10.92 14.92 -7.64
C ASN A 66 10.42 15.40 -6.28
N SER A 67 9.13 15.26 -6.00
CA SER A 67 8.57 15.61 -4.71
C SER A 67 8.76 14.53 -3.66
N LEU A 68 9.34 13.39 -4.05
CA LEU A 68 9.45 12.26 -3.14
C LEU A 68 10.30 12.60 -1.91
N SER A 69 11.39 13.32 -2.10
CA SER A 69 12.26 13.67 -0.98
C SER A 69 11.49 14.47 0.07
N GLY A 70 10.84 15.56 -0.36
CA GLY A 70 10.07 16.37 0.56
C GLY A 70 8.87 15.67 1.13
N ILE A 71 8.20 14.85 0.32
CA ILE A 71 7.05 14.09 0.80
C ILE A 71 7.46 13.11 1.88
N ILE A 72 8.57 12.40 1.67
CA ILE A 72 9.08 11.45 2.66
C ILE A 72 9.50 12.18 3.92
N CYS A 73 10.16 13.33 3.79
CA CYS A 73 10.54 14.08 4.98
C CYS A 73 9.32 14.58 5.75
N LEU A 74 8.29 15.05 5.06
CA LEU A 74 7.07 15.49 5.74
C LEU A 74 6.34 14.33 6.39
N LEU A 75 6.29 13.17 5.74
CA LEU A 75 5.69 11.99 6.35
C LEU A 75 6.46 11.54 7.58
N CYS A 76 7.79 11.57 7.52
CA CYS A 76 8.60 11.21 8.68
C CYS A 76 8.41 12.22 9.81
N GLY A 77 8.28 13.50 9.48
CA GLY A 77 8.01 14.51 10.50
C GLY A 77 6.65 14.34 11.15
N THR A 78 5.64 13.98 10.35
CA THR A 78 4.32 13.68 10.90
C THR A 78 4.38 12.47 11.82
N MET A 79 5.09 11.42 11.41
CA MET A 79 5.24 10.26 12.28
C MET A 79 6.02 10.60 13.55
N TYR A 80 6.96 11.54 13.46
CA TYR A 80 7.67 11.96 14.66
C TYR A 80 6.80 12.82 15.57
N ALA A 81 5.88 13.60 15.01
CA ALA A 81 4.88 14.27 15.84
C ALA A 81 4.00 13.26 16.57
N ALA A 82 3.59 12.21 15.86
CA ALA A 82 2.84 11.13 16.51
C ALA A 82 3.66 10.42 17.57
N LYS A 83 4.95 10.21 17.31
CA LYS A 83 5.85 9.61 18.28
C LYS A 83 5.99 10.48 19.52
N SER A 84 6.09 11.80 19.33
CA SER A 84 6.14 12.72 20.46
C SER A 84 4.84 12.67 21.26
N PHE A 85 3.71 12.56 20.56
CA PHE A 85 2.42 12.40 21.26
C PHE A 85 2.42 11.13 22.10
N ASP A 86 2.92 10.03 21.53
CA ASP A 86 2.95 8.76 22.25
C ASP A 86 3.89 8.82 23.46
N PHE A 87 5.07 9.39 23.28
CA PHE A 87 6.04 9.45 24.37
C PHE A 87 5.57 10.38 25.48
N PHE A 88 5.00 11.53 25.12
CA PHE A 88 4.48 12.46 26.12
C PHE A 88 3.26 11.90 26.83
N ASP A 89 2.60 10.91 26.24
CA ASP A 89 1.52 10.19 26.89
C ASP A 89 2.01 9.05 27.78
N GLY A 90 3.32 8.86 27.86
CA GLY A 90 3.90 7.81 28.68
C GLY A 90 4.20 6.51 27.98
N GLY A 91 4.01 6.44 26.66
CA GLY A 91 4.24 5.23 25.91
C GLY A 91 3.08 4.25 26.01
N GLY A 92 3.12 3.26 25.13
CA GLY A 92 2.11 2.23 25.13
C GLY A 92 0.74 2.69 24.69
N THR A 93 0.66 3.84 24.03
CA THR A 93 -0.53 4.46 23.45
C THR A 93 -1.03 3.59 22.30
N PRO A 94 -2.36 3.41 22.15
CA PRO A 94 -2.88 2.52 21.11
C PRO A 94 -2.33 2.81 19.72
N PHE A 95 -2.20 4.08 19.36
CA PHE A 95 -1.55 4.47 18.11
C PHE A 95 -0.12 4.89 18.43
N SER A 96 0.72 3.90 18.69
CA SER A 96 2.12 4.13 19.00
C SER A 96 2.96 3.84 17.76
N LEU A 97 3.59 4.88 17.22
CA LEU A 97 4.55 4.73 16.14
C LEU A 97 5.94 4.44 16.66
N ASN A 98 6.08 4.30 17.98
CA ASN A 98 7.32 3.90 18.63
C ASN A 98 7.35 2.43 19.01
N TRP A 99 6.19 1.82 19.22
CA TRP A 99 6.13 0.47 19.78
C TRP A 99 6.79 -0.55 18.86
N TYR A 100 6.24 -0.72 17.66
CA TYR A 100 6.76 -1.70 16.72
C TYR A 100 7.93 -1.07 15.97
N TRP A 101 9.13 -1.52 16.31
CA TRP A 101 10.34 -0.97 15.70
C TRP A 101 10.37 -1.28 14.21
N TYR A 102 10.84 -0.29 13.44
CA TYR A 102 10.98 -0.31 11.99
C TYR A 102 9.64 -0.39 11.26
N LEU A 103 8.52 -0.40 11.98
CA LEU A 103 7.23 -0.35 11.31
C LEU A 103 7.04 0.97 10.59
N ASP A 104 7.44 2.08 11.22
CA ASP A 104 7.42 3.37 10.54
C ASP A 104 8.33 3.37 9.32
N TYR A 105 9.49 2.71 9.43
CA TYR A 105 10.45 2.68 8.34
C TYR A 105 9.91 2.01 7.09
N VAL A 106 8.94 1.10 7.20
CA VAL A 106 8.42 0.43 6.02
C VAL A 106 7.63 1.43 5.18
N PHE A 107 7.41 2.63 5.72
CA PHE A 107 6.69 3.68 5.00
C PHE A 107 7.64 4.68 4.37
N THR A 108 8.75 5.00 5.04
CA THR A 108 9.62 6.07 4.55
C THR A 108 10.74 5.55 3.66
N THR A 109 11.55 4.63 4.19
CA THR A 109 12.82 4.28 3.54
C THR A 109 12.67 3.51 2.23
N PRO A 110 11.63 2.69 2.02
CA PRO A 110 11.41 2.17 0.67
C PRO A 110 11.17 3.27 -0.35
N LEU A 111 10.18 4.12 -0.10
CA LEU A 111 10.00 5.31 -0.92
C LEU A 111 11.27 6.12 -1.06
N LEU A 112 12.00 6.30 0.04
CA LEU A 112 13.29 6.97 -0.01
C LEU A 112 14.20 6.32 -1.04
N ILE A 113 14.35 4.99 -0.98
CA ILE A 113 15.19 4.32 -1.97
C ILE A 113 14.62 4.56 -3.37
N LEU A 114 13.29 4.53 -3.50
CA LEU A 114 12.67 4.86 -4.78
C LEU A 114 13.10 6.25 -5.22
N ASP A 115 13.00 7.24 -4.32
CA ASP A 115 13.47 8.58 -4.64
C ASP A 115 14.91 8.53 -5.12
N PHE A 116 15.77 7.82 -4.38
CA PHE A 116 17.16 7.70 -4.80
C PHE A 116 17.24 7.13 -6.20
N ALA A 117 16.53 6.03 -6.44
CA ALA A 117 16.57 5.39 -7.76
C ALA A 117 16.07 6.35 -8.84
N PHE A 118 15.14 7.23 -8.50
CA PHE A 118 14.65 8.18 -9.48
C PHE A 118 15.64 9.32 -9.71
N THR A 119 16.38 9.71 -8.68
CA THR A 119 17.32 10.82 -8.83
C THR A 119 18.55 10.42 -9.62
N LEU A 120 18.99 9.17 -9.48
CA LEU A 120 20.19 8.68 -10.14
C LEU A 120 19.88 7.83 -11.37
N ASP A 121 18.62 7.66 -11.72
CA ASP A 121 18.19 6.82 -12.83
C ASP A 121 18.76 5.41 -12.68
N LEU A 122 18.66 4.89 -11.47
CA LEU A 122 19.16 3.56 -11.17
C LEU A 122 18.22 2.50 -11.75
N PRO A 123 18.76 1.41 -12.27
CA PRO A 123 17.91 0.34 -12.80
C PRO A 123 17.23 -0.43 -11.69
N HIS A 124 16.16 -1.15 -12.08
CA HIS A 124 15.43 -2.04 -11.18
C HIS A 124 14.91 -1.30 -9.95
N LYS A 125 14.14 -0.24 -10.20
CA LYS A 125 13.58 0.54 -9.10
C LYS A 125 12.60 -0.29 -8.27
N ILE A 126 11.76 -1.10 -8.94
CA ILE A 126 10.84 -1.95 -8.22
C ILE A 126 11.58 -3.00 -7.40
N ARG A 127 12.67 -3.54 -7.95
CA ARG A 127 13.47 -4.51 -7.22
C ARG A 127 14.05 -3.92 -5.96
N TYR A 128 14.64 -2.72 -6.05
CA TYR A 128 15.19 -2.05 -4.88
C TYR A 128 14.11 -1.72 -3.86
N PHE A 129 12.96 -1.23 -4.35
CA PHE A 129 11.85 -0.91 -3.46
C PHE A 129 11.41 -2.13 -2.66
N PHE A 130 11.24 -3.26 -3.35
CA PHE A 130 10.78 -4.46 -2.65
C PHE A 130 11.87 -5.07 -1.77
N ALA A 131 13.13 -4.93 -2.15
CA ALA A 131 14.21 -5.38 -1.28
C ALA A 131 14.21 -4.63 0.04
N VAL A 132 14.09 -3.30 -0.03
CA VAL A 132 14.02 -2.49 1.19
C VAL A 132 12.77 -2.83 1.98
N PHE A 133 11.63 -2.98 1.29
CA PHE A 133 10.38 -3.35 1.94
C PHE A 133 10.51 -4.65 2.73
N LEU A 134 11.06 -5.68 2.10
CA LEU A 134 11.18 -6.98 2.74
C LEU A 134 12.20 -6.96 3.87
N THR A 135 13.30 -6.21 3.70
CA THR A 135 14.27 -6.08 4.78
C THR A 135 13.62 -5.44 6.01
N LEU A 136 12.86 -4.38 5.81
CA LEU A 136 12.23 -3.70 6.94
C LEU A 136 11.14 -4.56 7.58
N TRP A 137 10.38 -5.31 6.79
CA TRP A 137 9.40 -6.21 7.37
C TRP A 137 10.05 -7.37 8.13
N CYS A 138 11.19 -7.87 7.65
CA CYS A 138 11.95 -8.84 8.43
C CYS A 138 12.43 -8.26 9.74
N GLY A 139 12.85 -6.99 9.74
CA GLY A 139 13.20 -6.33 10.99
C GLY A 139 12.04 -6.17 11.94
N VAL A 140 10.85 -5.81 11.41
CA VAL A 140 9.65 -5.73 12.25
C VAL A 140 9.33 -7.08 12.85
N ALA A 141 9.39 -8.14 12.04
CA ALA A 141 9.14 -9.49 12.53
C ALA A 141 10.15 -9.90 13.59
N ALA A 142 11.43 -9.54 13.40
CA ALA A 142 12.45 -9.85 14.40
C ALA A 142 12.18 -9.13 15.71
N PHE A 143 11.77 -7.87 15.64
CA PHE A 143 11.52 -7.11 16.86
C PHE A 143 10.24 -7.50 17.59
N VAL A 144 9.24 -8.04 16.88
CA VAL A 144 8.04 -8.52 17.56
C VAL A 144 8.17 -9.98 18.02
N THR A 145 9.17 -10.71 17.53
CA THR A 145 9.31 -12.12 17.88
C THR A 145 10.06 -12.24 19.21
N PRO A 146 9.47 -12.85 20.23
CA PRO A 146 10.14 -12.97 21.53
C PRO A 146 11.07 -14.16 21.67
N SER A 147 11.05 -15.10 20.74
CA SER A 147 11.88 -16.29 20.82
C SER A 147 13.21 -16.05 20.12
N ALA A 148 14.03 -17.09 19.99
CA ALA A 148 15.28 -17.02 19.25
C ALA A 148 15.06 -16.93 17.75
N TYR A 149 13.87 -17.27 17.27
CA TYR A 149 13.54 -17.18 15.85
C TYR A 149 13.54 -15.75 15.35
N ARG A 150 13.54 -14.76 16.24
CA ARG A 150 13.81 -13.39 15.85
C ARG A 150 15.15 -13.26 15.14
N PHE A 151 16.19 -13.95 15.64
CA PHE A 151 17.47 -13.99 14.95
C PHE A 151 17.37 -14.68 13.61
N ALA A 152 16.40 -15.57 13.43
CA ALA A 152 16.07 -16.03 12.09
C ALA A 152 15.55 -14.90 11.23
N TYR A 153 14.55 -14.16 11.72
CA TYR A 153 14.01 -13.05 10.95
C TYR A 153 15.08 -12.02 10.63
N TYR A 154 15.86 -11.63 11.64
CA TYR A 154 17.00 -10.76 11.40
C TYR A 154 17.89 -11.34 10.29
N ALA A 155 18.22 -12.62 10.38
CA ALA A 155 19.03 -13.23 9.34
C ALA A 155 18.33 -13.13 7.99
N LEU A 156 17.02 -13.38 7.96
CA LEU A 156 16.28 -13.22 6.72
C LEU A 156 16.43 -11.79 6.19
N GLY A 157 16.32 -10.79 7.08
CA GLY A 157 16.59 -9.43 6.67
C GLY A 157 17.99 -9.22 6.18
N CYS A 158 18.98 -9.82 6.84
CA CYS A 158 20.36 -9.75 6.38
C CYS A 158 20.55 -10.48 5.07
N CYS A 159 19.64 -11.38 4.70
CA CYS A 159 19.68 -12.03 3.40
C CYS A 159 19.07 -11.17 2.31
N TRP A 160 18.37 -10.09 2.68
CA TRP A 160 17.81 -9.17 1.71
C TRP A 160 18.55 -7.84 1.63
N PHE A 161 19.19 -7.41 2.72
CA PHE A 161 19.90 -6.15 2.72
C PHE A 161 21.32 -6.31 2.18
N THR A 162 21.99 -7.41 2.49
CA THR A 162 23.36 -7.61 2.02
C THR A 162 23.45 -7.63 0.49
N PRO A 163 22.61 -8.37 -0.25
CA PRO A 163 22.66 -8.25 -1.71
C PRO A 163 22.26 -6.87 -2.20
N PHE A 164 21.13 -6.36 -1.71
CA PHE A 164 20.64 -5.06 -2.13
C PHE A 164 21.70 -3.98 -1.96
N ALA A 165 22.28 -3.89 -0.76
CA ALA A 165 23.32 -2.90 -0.51
C ALA A 165 24.53 -3.14 -1.41
N LEU A 166 24.86 -4.39 -1.70
CA LEU A 166 25.96 -4.66 -2.61
C LEU A 166 25.56 -4.41 -4.05
N SER A 167 24.28 -4.55 -4.38
CA SER A 167 23.85 -4.25 -5.73
C SER A 167 23.75 -2.75 -5.96
N LEU A 168 22.98 -2.06 -5.12
CA LEU A 168 22.80 -0.62 -5.24
C LEU A 168 24.14 0.08 -5.34
N MET A 169 25.05 -0.22 -4.41
CA MET A 169 26.37 0.40 -4.42
C MET A 169 27.02 0.27 -5.79
N ARG A 170 27.03 -0.95 -6.34
CA ARG A 170 27.59 -1.15 -7.68
C ARG A 170 26.92 -0.22 -8.68
N HIS A 171 25.59 -0.23 -8.72
CA HIS A 171 24.88 0.63 -9.65
C HIS A 171 25.21 2.09 -9.39
N VAL A 172 25.35 2.47 -8.13
CA VAL A 172 25.70 3.86 -7.82
C VAL A 172 27.03 4.21 -8.45
N LYS A 173 28.01 3.30 -8.37
CA LYS A 173 29.28 3.52 -9.05
C LYS A 173 29.05 3.78 -10.54
N GLU A 174 28.22 2.95 -11.18
CA GLU A 174 27.97 3.11 -12.61
C GLU A 174 27.39 4.49 -12.91
N ARG A 175 26.65 5.06 -11.95
CA ARG A 175 26.08 6.38 -12.17
C ARG A 175 27.04 7.49 -11.75
N TYR A 176 27.95 7.19 -10.82
CA TYR A 176 28.79 8.24 -10.25
C TYR A 176 29.67 8.88 -11.31
N LEU A 177 30.24 8.07 -12.21
CA LEU A 177 31.10 8.60 -13.25
C LEU A 177 30.32 9.45 -14.25
N VAL A 178 29.00 9.28 -14.32
CA VAL A 178 28.20 9.99 -15.30
C VAL A 178 28.11 11.47 -14.96
N TYR A 179 27.99 11.81 -13.69
CA TYR A 179 27.64 13.16 -13.28
C TYR A 179 28.88 14.05 -13.17
N PRO A 180 28.71 15.36 -13.31
CA PRO A 180 29.86 16.26 -13.25
C PRO A 180 30.43 16.32 -11.85
N PRO A 181 31.64 16.86 -11.69
CA PRO A 181 32.29 16.86 -10.37
C PRO A 181 31.51 17.52 -9.25
N LYS A 182 30.70 18.55 -9.54
CA LYS A 182 29.91 19.16 -8.46
C LYS A 182 28.76 18.26 -8.03
N CYS A 183 27.98 17.78 -9.00
CA CYS A 183 26.99 16.76 -8.70
C CYS A 183 27.65 15.52 -8.13
N GLN A 184 28.89 15.23 -8.56
CA GLN A 184 29.63 14.10 -7.98
C GLN A 184 29.93 14.34 -6.51
N ARG A 185 30.26 15.58 -6.14
CA ARG A 185 30.53 15.89 -4.74
C ARG A 185 29.28 15.70 -3.89
N TRP A 186 28.15 16.24 -4.36
CA TRP A 186 26.91 16.07 -3.59
C TRP A 186 26.51 14.60 -3.51
N LEU A 187 26.65 13.87 -4.62
CA LEU A 187 26.36 12.44 -4.62
C LEU A 187 27.29 11.67 -3.70
N PHE A 188 28.56 12.05 -3.64
CA PHE A 188 29.51 11.40 -2.76
C PHE A 188 29.11 11.58 -1.30
N TRP A 189 28.74 12.81 -0.93
CA TRP A 189 28.38 13.05 0.46
C TRP A 189 27.04 12.40 0.81
N ALA A 190 26.16 12.23 -0.16
CA ALA A 190 24.93 11.49 0.11
C ALA A 190 25.17 9.98 0.20
N CYS A 191 26.05 9.44 -0.65
CA CYS A 191 26.36 8.02 -0.61
C CYS A 191 27.16 7.66 0.63
N VAL A 192 27.96 8.59 1.16
CA VAL A 192 28.60 8.37 2.44
C VAL A 192 27.54 8.13 3.51
N ILE A 193 26.53 8.99 3.57
CA ILE A 193 25.44 8.82 4.52
C ILE A 193 24.76 7.47 4.30
N PHE A 194 24.39 7.18 3.06
CA PHE A 194 23.70 5.92 2.75
C PHE A 194 24.51 4.72 3.22
N PHE A 195 25.70 4.54 2.65
CA PHE A 195 26.43 3.29 2.84
C PHE A 195 27.21 3.27 4.15
N GLY A 196 27.15 4.35 4.94
CA GLY A 196 27.74 4.31 6.25
C GLY A 196 26.74 4.31 7.39
N PHE A 197 25.48 4.66 7.10
CA PHE A 197 24.45 4.71 8.13
C PHE A 197 23.40 3.62 7.99
N TRP A 198 23.06 3.21 6.76
CA TRP A 198 22.18 2.05 6.61
C TRP A 198 22.75 0.79 7.25
N PRO A 199 24.06 0.47 7.12
CA PRO A 199 24.59 -0.69 7.85
C PRO A 199 24.53 -0.56 9.37
N MET A 200 24.35 0.64 9.91
CA MET A 200 24.33 0.81 11.36
C MET A 200 23.16 0.07 12.01
N PHE A 201 21.99 0.08 11.38
CA PHE A 201 20.79 -0.54 11.94
C PHE A 201 20.98 -2.03 12.20
N PRO A 202 21.51 -2.82 11.25
CA PRO A 202 21.83 -4.22 11.57
C PRO A 202 22.79 -4.38 12.73
N ILE A 203 23.81 -3.53 12.82
CA ILE A 203 24.74 -3.60 13.93
C ILE A 203 24.07 -3.19 15.23
N LEU A 204 23.17 -2.19 15.16
CA LEU A 204 22.46 -1.76 16.36
C LEU A 204 21.54 -2.86 16.87
N PHE A 205 21.00 -3.68 15.98
CA PHE A 205 20.17 -4.80 16.41
C PHE A 205 20.94 -5.76 17.30
N ILE A 206 22.19 -6.06 16.95
CA ILE A 206 22.97 -7.06 17.66
C ILE A 206 23.20 -6.65 19.10
N PHE A 207 23.50 -5.38 19.33
CA PHE A 207 23.83 -4.88 20.66
C PHE A 207 22.64 -4.29 21.40
N SER A 208 21.45 -4.38 20.81
CA SER A 208 20.24 -3.90 21.47
C SER A 208 19.82 -4.87 22.58
N TRP A 209 18.72 -4.52 23.26
CA TRP A 209 18.18 -5.39 24.29
C TRP A 209 17.70 -6.72 23.74
N LEU A 210 17.41 -6.80 22.44
CA LEU A 210 17.03 -8.05 21.81
C LEU A 210 18.23 -8.86 21.34
N GLY A 211 19.44 -8.35 21.56
CA GLY A 211 20.65 -9.05 21.22
C GLY A 211 21.52 -9.25 22.44
N THR A 212 22.74 -8.72 22.41
CA THR A 212 23.65 -8.81 23.54
C THR A 212 23.21 -7.97 24.74
N GLY A 213 22.24 -7.08 24.56
CA GLY A 213 21.72 -6.30 25.67
C GLY A 213 22.57 -5.13 26.10
N HIS A 214 23.34 -4.55 25.19
CA HIS A 214 24.20 -3.41 25.50
C HIS A 214 23.51 -2.06 25.34
N ILE A 215 22.57 -1.95 24.41
CA ILE A 215 21.87 -0.70 24.14
C ILE A 215 20.42 -0.86 24.61
N SER A 216 19.98 0.05 25.48
CA SER A 216 18.61 0.03 25.96
C SER A 216 17.66 0.54 24.88
N GLN A 217 16.36 0.39 25.14
CA GLN A 217 15.37 0.87 24.19
C GLN A 217 15.33 2.39 24.14
N GLN A 218 15.57 3.07 25.27
CA GLN A 218 15.64 4.52 25.26
C GLN A 218 16.80 5.01 24.41
N ALA A 219 17.99 4.44 24.62
CA ALA A 219 19.14 4.77 23.79
C ALA A 219 18.88 4.41 22.33
N PHE A 220 18.17 3.32 22.10
CA PHE A 220 17.80 2.95 20.74
C PHE A 220 16.93 4.02 20.09
N TYR A 221 15.95 4.53 20.84
CA TYR A 221 15.09 5.59 20.32
C TYR A 221 15.88 6.84 20.00
N ILE A 222 16.79 7.23 20.89
CA ILE A 222 17.59 8.43 20.64
C ILE A 222 18.51 8.24 19.42
N ILE A 223 19.15 7.08 19.32
CA ILE A 223 20.05 6.80 18.21
C ILE A 223 19.28 6.80 16.89
N HIS A 224 18.10 6.19 16.88
CA HIS A 224 17.31 6.16 15.65
C HIS A 224 16.70 7.52 15.32
N ALA A 225 16.45 8.36 16.32
CA ALA A 225 16.06 9.74 16.05
C ALA A 225 17.18 10.49 15.34
N PHE A 226 18.41 10.35 15.81
CA PHE A 226 19.53 10.95 15.10
C PHE A 226 19.71 10.36 13.70
N LEU A 227 19.56 9.05 13.56
CA LEU A 227 19.68 8.41 12.25
C LEU A 227 18.61 8.90 11.28
N ASP A 228 17.36 9.03 11.72
CA ASP A 228 16.31 9.60 10.89
C ASP A 228 16.55 11.06 10.57
N LEU A 229 17.15 11.81 11.49
CA LEU A 229 17.61 13.16 11.14
C LEU A 229 18.64 13.12 10.03
N THR A 230 19.51 12.11 10.02
CA THR A 230 20.52 12.00 8.98
C THR A 230 20.00 11.29 7.73
N CYS A 231 19.33 10.15 7.90
CA CYS A 231 18.95 9.32 6.76
C CYS A 231 17.78 9.91 5.99
N LYS A 232 16.89 10.63 6.67
CA LYS A 232 15.80 11.31 5.97
C LYS A 232 16.15 12.74 5.62
N SER A 233 16.45 13.56 6.62
CA SER A 233 16.52 15.00 6.41
C SER A 233 17.81 15.41 5.71
N ILE A 234 18.96 15.04 6.26
CA ILE A 234 20.23 15.43 5.66
C ILE A 234 20.40 14.78 4.30
N PHE A 235 20.00 13.51 4.17
CA PHE A 235 20.08 12.83 2.89
C PHE A 235 19.16 13.46 1.87
N GLY A 236 17.95 13.85 2.29
CA GLY A 236 17.05 14.54 1.37
C GLY A 236 17.56 15.90 0.94
N ILE A 237 18.21 16.63 1.86
CA ILE A 237 18.81 17.91 1.50
C ILE A 237 19.94 17.70 0.50
N LEU A 238 20.76 16.67 0.71
CA LEU A 238 21.83 16.37 -0.23
C LEU A 238 21.28 15.96 -1.60
N MET A 239 20.21 15.17 -1.62
CA MET A 239 19.52 14.85 -2.87
C MET A 239 18.96 16.09 -3.55
N THR A 240 18.36 17.01 -2.79
CA THR A 240 17.83 18.23 -3.39
C THR A 240 18.95 19.08 -3.99
N VAL A 241 20.07 19.21 -3.28
CA VAL A 241 21.19 20.00 -3.80
C VAL A 241 21.82 19.30 -5.00
N PHE A 242 21.91 17.98 -4.97
CA PHE A 242 22.42 17.24 -6.13
C PHE A 242 21.52 17.43 -7.34
N ARG A 243 20.20 17.39 -7.13
CA ARG A 243 19.27 17.63 -8.22
C ARG A 243 19.37 19.06 -8.74
N LEU A 244 19.54 20.04 -7.85
CA LEU A 244 19.72 21.41 -8.30
C LEU A 244 20.99 21.57 -9.13
N GLU A 245 22.09 20.96 -8.69
CA GLU A 245 23.32 21.02 -9.47
C GLU A 245 23.18 20.31 -10.82
N LEU A 246 22.50 19.16 -10.83
CA LEU A 246 22.27 18.44 -12.08
C LEU A 246 21.41 19.26 -13.04
N GLU A 247 20.37 19.92 -12.51
CA GLU A 247 19.52 20.75 -13.35
C GLU A 247 20.25 21.98 -13.85
N GLU A 248 21.15 22.54 -13.03
CA GLU A 248 21.95 23.66 -13.50
C GLU A 248 22.90 23.23 -14.61
N HIS A 249 23.48 22.05 -14.49
CA HIS A 249 24.40 21.55 -15.50
C HIS A 249 23.66 21.19 -16.81
N THR A 250 22.56 20.46 -16.71
CA THR A 250 21.94 19.85 -17.88
C THR A 250 20.77 20.65 -18.43
N GLU A 251 20.06 21.40 -17.58
CA GLU A 251 18.91 22.16 -18.04
C GLU A 251 19.17 23.65 -18.17
N VAL A 252 19.80 24.28 -17.19
CA VAL A 252 20.12 25.70 -17.27
C VAL A 252 21.24 25.97 -18.25
N GLN A 253 22.31 25.17 -18.20
CA GLN A 253 23.43 25.31 -19.12
C GLN A 253 23.31 24.40 -20.34
N GLY A 254 22.45 23.38 -20.28
CA GLY A 254 22.30 22.48 -21.42
C GLY A 254 23.48 21.60 -21.69
N LEU A 255 24.40 21.48 -20.74
CA LEU A 255 25.59 20.66 -20.94
C LEU A 255 25.25 19.18 -20.80
N PRO A 256 25.99 18.31 -21.50
CA PRO A 256 25.71 16.87 -21.41
C PRO A 256 26.41 16.21 -20.24
N LEU A 257 25.89 15.06 -19.85
CA LEU A 257 26.50 14.24 -18.82
C LEU A 257 27.70 13.47 -19.41
N ASN A 258 28.56 12.99 -18.51
CA ASN A 258 29.70 12.16 -18.92
C ASN A 258 29.31 10.71 -19.14
N GLU A 259 28.31 10.47 -19.99
CA GLU A 259 27.81 9.12 -20.22
C GLU A 259 28.28 8.57 -21.55
N PRO B 1 -2.00 -7.19 14.16
CA PRO B 1 -3.40 -7.59 14.15
C PRO B 1 -3.69 -8.73 15.12
N PHE B 2 -2.68 -9.09 15.90
CA PHE B 2 -2.74 -10.33 16.65
C PHE B 2 -3.17 -10.09 18.09
N TYR B 3 -4.05 -10.95 18.57
CA TYR B 3 -4.52 -11.00 19.94
C TYR B 3 -4.29 -12.37 20.57
N ASP B 4 -4.37 -13.44 19.78
CA ASP B 4 -4.21 -14.78 20.30
C ASP B 4 -2.74 -15.16 20.37
N SER B 5 -2.46 -16.21 21.14
CA SER B 5 -1.12 -16.73 21.27
C SER B 5 -1.22 -18.22 21.63
N ARG B 6 -0.13 -18.93 21.40
CA ARG B 6 -0.09 -20.33 21.80
C ARG B 6 -0.10 -20.42 23.31
N PRO B 7 -0.98 -21.24 23.90
CA PRO B 7 -1.03 -21.34 25.36
C PRO B 7 0.28 -21.86 25.91
N PRO B 8 0.64 -21.48 27.15
CA PRO B 8 1.90 -21.96 27.73
C PRO B 8 2.01 -23.47 27.76
N GLU B 9 0.91 -24.18 27.96
CA GLU B 9 0.90 -25.64 27.92
C GLU B 9 0.79 -26.18 26.50
N GLY B 10 0.70 -25.31 25.50
CA GLY B 10 0.56 -25.71 24.12
C GLY B 10 -0.86 -25.57 23.63
N TRP B 11 -1.02 -25.78 22.33
CA TRP B 11 -2.34 -25.69 21.72
C TRP B 11 -3.25 -26.78 22.30
N PRO B 12 -4.51 -26.47 22.55
CA PRO B 12 -5.43 -27.50 23.07
C PRO B 12 -5.53 -28.68 22.11
N LYS B 13 -5.56 -29.88 22.67
CA LYS B 13 -5.60 -31.09 21.86
C LYS B 13 -6.95 -31.20 21.17
N GLY B 14 -6.93 -31.45 19.86
CA GLY B 14 -8.13 -31.50 19.07
C GLY B 14 -8.55 -30.19 18.43
N SER B 15 -7.83 -29.10 18.71
CA SER B 15 -8.14 -27.82 18.11
C SER B 15 -7.57 -27.75 16.69
N ILE B 16 -7.95 -26.70 15.96
CA ILE B 16 -7.45 -26.53 14.60
C ILE B 16 -5.98 -26.17 14.56
N ASN B 17 -5.42 -25.68 15.66
CA ASN B 17 -4.00 -25.35 15.76
C ASN B 17 -3.16 -26.51 16.27
N ASP B 18 -3.77 -27.63 16.64
CA ASP B 18 -3.05 -28.81 17.09
C ASP B 18 -2.57 -29.57 15.86
N MET B 19 -1.57 -29.01 15.20
CA MET B 19 -1.07 -29.50 13.92
C MET B 19 0.31 -30.11 14.08
N ASP B 20 0.82 -30.67 12.99
CA ASP B 20 2.19 -31.20 12.94
C ASP B 20 3.09 -30.06 12.51
N TYR B 21 3.66 -29.37 13.50
CA TYR B 21 4.39 -28.14 13.26
C TYR B 21 5.79 -28.36 12.68
N PRO B 22 6.56 -29.38 13.11
CA PRO B 22 7.80 -29.68 12.38
C PRO B 22 7.57 -29.99 10.91
N LEU B 23 6.52 -30.76 10.60
CA LEU B 23 6.23 -31.09 9.21
C LEU B 23 5.80 -29.86 8.42
N LEU B 24 4.91 -29.04 9.01
CA LEU B 24 4.47 -27.84 8.34
C LEU B 24 5.61 -26.87 8.12
N GLY B 25 6.51 -26.76 9.10
CA GLY B 25 7.68 -25.91 8.94
C GLY B 25 8.64 -26.41 7.88
N SER B 26 8.85 -27.73 7.81
CA SER B 26 9.70 -28.28 6.76
C SER B 26 9.09 -28.05 5.37
N ILE B 27 7.77 -28.23 5.24
CA ILE B 27 7.11 -27.96 3.97
C ILE B 27 7.24 -26.49 3.61
N CYS B 28 7.06 -25.59 4.59
CA CYS B 28 7.19 -24.17 4.33
C CYS B 28 8.62 -23.79 3.95
N ALA B 29 9.62 -24.42 4.57
CA ALA B 29 11.01 -24.15 4.22
C ALA B 29 11.33 -24.62 2.80
N VAL B 30 10.86 -25.81 2.43
CA VAL B 30 11.08 -26.29 1.07
C VAL B 30 10.39 -25.38 0.06
N CYS B 31 9.15 -24.96 0.36
CA CYS B 31 8.45 -24.04 -0.52
C CYS B 31 9.19 -22.70 -0.62
N CYS B 32 9.69 -22.20 0.51
CA CYS B 32 10.46 -20.96 0.49
C CYS B 32 11.66 -21.08 -0.43
N VAL B 33 12.43 -22.16 -0.28
CA VAL B 33 13.61 -22.34 -1.11
C VAL B 33 13.23 -22.41 -2.58
N PHE B 34 12.21 -23.20 -2.91
CA PHE B 34 11.86 -23.39 -4.32
C PHE B 34 11.33 -22.09 -4.93
N VAL B 35 10.42 -21.39 -4.24
CA VAL B 35 9.82 -20.19 -4.81
C VAL B 35 10.84 -19.06 -4.88
N ALA B 36 11.69 -18.91 -3.85
CA ALA B 36 12.73 -17.89 -3.91
C ALA B 36 13.72 -18.17 -5.01
N GLY B 37 14.12 -19.44 -5.20
CA GLY B 37 15.01 -19.78 -6.30
C GLY B 37 14.38 -19.54 -7.65
N SER B 38 13.08 -19.84 -7.78
CA SER B 38 12.39 -19.57 -9.04
C SER B 38 12.36 -18.08 -9.34
N GLY B 39 12.10 -17.25 -8.32
CA GLY B 39 12.14 -15.81 -8.53
C GLY B 39 13.52 -15.29 -8.85
N ILE B 40 14.56 -15.83 -8.21
CA ILE B 40 15.92 -15.44 -8.53
C ILE B 40 16.27 -15.80 -9.96
N TRP B 41 15.88 -17.01 -10.40
CA TRP B 41 16.11 -17.39 -11.78
C TRP B 41 15.32 -16.49 -12.74
N MET B 42 14.09 -16.13 -12.36
CA MET B 42 13.28 -15.25 -13.20
C MET B 42 13.98 -13.91 -13.41
N LEU B 43 14.47 -13.31 -12.32
CA LEU B 43 15.15 -12.02 -12.44
C LEU B 43 16.47 -12.15 -13.19
N TYR B 44 17.22 -13.23 -12.96
CA TYR B 44 18.48 -13.42 -13.68
C TYR B 44 18.25 -13.60 -15.17
N ARG B 45 17.25 -14.41 -15.54
CA ARG B 45 16.92 -14.63 -16.94
C ARG B 45 16.41 -13.34 -17.58
N LEU B 46 15.66 -12.54 -16.82
CA LEU B 46 15.21 -11.25 -17.33
C LEU B 46 16.38 -10.32 -17.59
N ASP B 47 17.37 -10.32 -16.70
CA ASP B 47 18.56 -9.50 -16.91
C ASP B 47 19.47 -10.06 -18.00
N LEU B 48 19.32 -11.33 -18.37
CA LEU B 48 20.16 -11.90 -19.42
C LEU B 48 19.91 -11.23 -20.77
N GLY B 49 18.66 -10.89 -21.08
CA GLY B 49 18.34 -10.29 -22.36
C GLY B 49 16.93 -10.64 -22.83
N MET B 50 16.58 -10.19 -24.04
CA MET B 50 15.25 -10.46 -24.59
C MET B 50 15.27 -11.75 -25.40
N GLY B 51 14.32 -12.64 -25.11
CA GLY B 51 14.16 -13.85 -25.87
C GLY B 51 15.18 -14.92 -25.51
N TYR B 52 15.08 -16.03 -26.23
CA TYR B 52 16.04 -17.12 -26.05
C TYR B 52 17.43 -16.76 -26.55
N SER B 53 17.53 -15.81 -27.49
CA SER B 53 18.82 -15.36 -27.99
C SER B 53 19.50 -14.38 -27.05
N CYS B 54 18.82 -13.93 -25.99
CA CYS B 54 19.37 -12.98 -25.03
C CYS B 54 19.86 -11.71 -25.72
N LYS B 55 19.00 -11.14 -26.55
CA LYS B 55 19.33 -9.91 -27.24
C LYS B 55 19.44 -8.77 -26.22
N PRO B 56 20.53 -8.02 -26.22
CA PRO B 56 20.69 -6.96 -25.21
C PRO B 56 19.61 -5.90 -25.34
N TYR B 57 19.19 -5.38 -24.19
CA TYR B 57 18.21 -4.31 -24.16
C TYR B 57 18.81 -3.04 -24.74
N LYS B 58 18.00 -2.28 -25.48
CA LYS B 58 18.48 -1.03 -26.05
C LYS B 58 18.88 -0.04 -24.97
N SER B 59 18.09 0.05 -23.90
CA SER B 59 18.42 0.92 -22.78
C SER B 59 19.37 0.27 -21.79
N GLY B 60 19.75 -0.99 -22.00
CA GLY B 60 20.64 -1.69 -21.11
C GLY B 60 19.98 -2.32 -19.90
N ARG B 61 18.68 -2.10 -19.70
CA ARG B 61 17.96 -2.65 -18.57
C ARG B 61 16.59 -3.13 -19.03
N ALA B 62 16.07 -4.12 -18.33
CA ALA B 62 14.76 -4.67 -18.65
C ALA B 62 13.65 -3.72 -18.21
N PRO B 63 12.46 -3.84 -18.81
CA PRO B 63 11.32 -3.08 -18.30
C PRO B 63 11.03 -3.42 -16.85
N GLU B 64 10.63 -2.40 -16.09
CA GLU B 64 10.46 -2.57 -14.65
C GLU B 64 9.32 -3.52 -14.32
N VAL B 65 8.23 -3.48 -15.08
CA VAL B 65 7.11 -4.39 -14.84
C VAL B 65 7.44 -5.83 -15.17
N ASN B 66 8.46 -6.07 -15.99
CA ASN B 66 8.91 -7.42 -16.31
C ASN B 66 9.53 -8.13 -15.12
N SER B 67 9.94 -7.39 -14.11
CA SER B 67 10.50 -7.97 -12.89
C SER B 67 9.41 -8.41 -11.91
N LEU B 68 8.14 -8.19 -12.25
CA LEU B 68 7.06 -8.48 -11.32
C LEU B 68 6.99 -9.96 -10.98
N SER B 69 7.17 -10.83 -11.98
CA SER B 69 7.11 -12.28 -11.74
C SER B 69 8.14 -12.70 -10.69
N GLY B 70 9.41 -12.33 -10.93
CA GLY B 70 10.46 -12.68 -9.99
C GLY B 70 10.32 -12.00 -8.65
N ILE B 71 9.88 -10.73 -8.66
CA ILE B 71 9.69 -10.01 -7.40
C ILE B 71 8.61 -10.68 -6.56
N ILE B 72 7.50 -11.06 -7.19
CA ILE B 72 6.41 -11.74 -6.49
C ILE B 72 6.87 -13.09 -5.96
N CYS B 73 7.64 -13.83 -6.77
CA CYS B 73 8.13 -15.12 -6.30
C CYS B 73 9.09 -14.96 -5.13
N LEU B 74 9.97 -13.97 -5.17
CA LEU B 74 10.88 -13.73 -4.05
C LEU B 74 10.13 -13.26 -2.80
N LEU B 75 9.10 -12.43 -2.95
CA LEU B 75 8.30 -12.02 -1.82
C LEU B 75 7.55 -13.20 -1.22
N CYS B 76 7.00 -14.07 -2.07
CA CYS B 76 6.32 -15.27 -1.57
C CYS B 76 7.31 -16.21 -0.88
N GLY B 77 8.53 -16.32 -1.40
CA GLY B 77 9.53 -17.14 -0.74
C GLY B 77 9.95 -16.57 0.61
N THR B 78 10.08 -15.25 0.70
CA THR B 78 10.35 -14.62 1.99
C THR B 78 9.22 -14.86 2.97
N MET B 79 7.97 -14.73 2.52
CA MET B 79 6.84 -15.01 3.39
C MET B 79 6.80 -16.48 3.81
N TYR B 80 7.25 -17.38 2.93
CA TYR B 80 7.32 -18.79 3.31
C TYR B 80 8.45 -19.07 4.28
N ALA B 81 9.56 -18.33 4.20
CA ALA B 81 10.58 -18.41 5.24
C ALA B 81 10.02 -17.96 6.58
N ALA B 82 9.26 -16.86 6.58
CA ALA B 82 8.60 -16.42 7.80
C ALA B 82 7.59 -17.45 8.30
N LYS B 83 6.85 -18.08 7.39
CA LYS B 83 5.91 -19.13 7.77
C LYS B 83 6.63 -20.33 8.38
N SER B 84 7.78 -20.70 7.82
CA SER B 84 8.57 -21.78 8.41
C SER B 84 9.07 -21.39 9.80
N PHE B 85 9.47 -20.13 9.97
CA PHE B 85 9.86 -19.66 11.31
C PHE B 85 8.70 -19.78 12.28
N ASP B 86 7.50 -19.41 11.85
CA ASP B 86 6.32 -19.48 12.71
C ASP B 86 5.98 -20.93 13.06
N PHE B 87 5.99 -21.82 12.07
CA PHE B 87 5.62 -23.20 12.31
C PHE B 87 6.65 -23.92 13.17
N PHE B 88 7.94 -23.68 12.92
CA PHE B 88 8.99 -24.29 13.73
C PHE B 88 9.00 -23.75 15.15
N ASP B 89 8.40 -22.59 15.38
CA ASP B 89 8.23 -22.03 16.71
C ASP B 89 6.96 -22.53 17.40
N GLY B 90 6.21 -23.42 16.75
CA GLY B 90 5.00 -23.98 17.31
C GLY B 90 3.71 -23.29 16.91
N GLY B 91 3.77 -22.30 16.03
CA GLY B 91 2.59 -21.59 15.60
C GLY B 91 2.16 -20.53 16.60
N GLY B 92 1.30 -19.63 16.13
CA GLY B 92 0.76 -18.59 16.98
C GLY B 92 1.74 -17.55 17.41
N THR B 93 2.85 -17.41 16.69
CA THR B 93 3.84 -16.39 17.01
C THR B 93 3.29 -15.01 16.63
N PRO B 94 3.74 -13.94 17.29
CA PRO B 94 3.19 -12.60 17.01
C PRO B 94 3.23 -12.22 15.54
N PHE B 95 4.33 -12.51 14.85
CA PHE B 95 4.41 -12.27 13.41
C PHE B 95 4.18 -13.60 12.69
N SER B 96 2.92 -14.02 12.66
CA SER B 96 2.53 -15.25 12.01
C SER B 96 1.92 -14.91 10.65
N LEU B 97 2.60 -15.33 9.59
CA LEU B 97 2.08 -15.22 8.24
C LEU B 97 1.22 -16.42 7.87
N ASN B 98 1.01 -17.33 8.82
CA ASN B 98 0.12 -18.48 8.70
C ASN B 98 -1.23 -18.25 9.35
N TRP B 99 -1.29 -17.39 10.38
CA TRP B 99 -2.49 -17.27 11.20
C TRP B 99 -3.67 -16.78 10.38
N TYR B 100 -3.58 -15.57 9.86
CA TYR B 100 -4.67 -14.97 9.09
C TYR B 100 -4.59 -15.50 7.66
N TRP B 101 -5.51 -16.39 7.31
CA TRP B 101 -5.52 -16.99 5.99
C TRP B 101 -5.78 -15.94 4.93
N TYR B 102 -5.10 -16.10 3.79
CA TYR B 102 -5.17 -15.23 2.62
C TYR B 102 -4.66 -13.83 2.88
N LEU B 103 -4.19 -13.52 4.09
CA LEU B 103 -3.59 -12.22 4.34
C LEU B 103 -2.29 -12.06 3.55
N ASP B 104 -1.48 -13.11 3.49
CA ASP B 104 -0.29 -13.08 2.64
C ASP B 104 -0.67 -12.91 1.17
N TYR B 105 -1.76 -13.54 0.75
CA TYR B 105 -2.19 -13.48 -0.64
C TYR B 105 -2.55 -12.07 -1.08
N VAL B 106 -2.96 -11.18 -0.18
CA VAL B 106 -3.32 -9.83 -0.58
C VAL B 106 -2.07 -9.07 -1.02
N PHE B 107 -0.91 -9.67 -0.79
CA PHE B 107 0.36 -9.05 -1.19
C PHE B 107 0.87 -9.61 -2.50
N THR B 108 0.69 -10.92 -2.76
CA THR B 108 1.30 -11.54 -3.93
C THR B 108 0.36 -11.56 -5.12
N THR B 109 -0.82 -12.15 -4.96
CA THR B 109 -1.67 -12.49 -6.10
C THR B 109 -2.29 -11.27 -6.80
N PRO B 110 -2.60 -10.17 -6.12
CA PRO B 110 -2.96 -8.96 -6.88
C PRO B 110 -1.84 -8.50 -7.80
N LEU B 111 -0.65 -8.27 -7.26
CA LEU B 111 0.52 -7.99 -8.09
C LEU B 111 0.70 -9.04 -9.16
N LEU B 112 0.53 -10.32 -8.82
CA LEU B 112 0.59 -11.39 -9.81
C LEU B 112 -0.37 -11.11 -10.95
N ILE B 113 -1.64 -10.81 -10.64
CA ILE B 113 -2.58 -10.52 -11.71
C ILE B 113 -2.10 -9.30 -12.49
N LEU B 114 -1.56 -8.30 -11.79
CA LEU B 114 -0.98 -7.15 -12.49
C LEU B 114 0.10 -7.62 -13.45
N ASP B 115 1.02 -8.46 -12.97
CA ASP B 115 2.04 -9.02 -13.84
C ASP B 115 1.39 -9.68 -15.06
N PHE B 116 0.38 -10.51 -14.82
CA PHE B 116 -0.32 -11.15 -15.92
C PHE B 116 -0.86 -10.09 -16.89
N ALA B 117 -1.55 -9.08 -16.35
CA ALA B 117 -2.12 -8.05 -17.20
C ALA B 117 -1.03 -7.31 -17.98
N PHE B 118 0.16 -7.19 -17.41
CA PHE B 118 1.24 -6.53 -18.11
C PHE B 118 1.85 -7.42 -19.18
N THR B 119 1.86 -8.75 -18.95
CA THR B 119 2.47 -9.64 -19.92
C THR B 119 1.60 -9.85 -21.14
N LEU B 120 0.27 -9.82 -20.96
CA LEU B 120 -0.67 -10.05 -22.05
C LEU B 120 -1.29 -8.76 -22.57
N ASP B 121 -0.89 -7.61 -22.04
CA ASP B 121 -1.47 -6.31 -22.39
C ASP B 121 -2.99 -6.33 -22.24
N LEU B 122 -3.42 -6.88 -21.11
CA LEU B 122 -4.85 -6.96 -20.82
C LEU B 122 -5.39 -5.60 -20.42
N PRO B 123 -6.61 -5.27 -20.85
CA PRO B 123 -7.20 -3.99 -20.45
C PRO B 123 -7.63 -3.99 -19.00
N HIS B 124 -7.80 -2.78 -18.46
CA HIS B 124 -8.33 -2.58 -17.11
C HIS B 124 -7.45 -3.27 -16.07
N LYS B 125 -6.15 -2.93 -16.09
CA LYS B 125 -5.22 -3.52 -15.13
C LYS B 125 -5.56 -3.11 -13.70
N ILE B 126 -5.93 -1.85 -13.49
CA ILE B 126 -6.31 -1.40 -12.15
C ILE B 126 -7.59 -2.11 -11.70
N ARG B 127 -8.54 -2.30 -12.62
CA ARG B 127 -9.77 -3.00 -12.28
C ARG B 127 -9.50 -4.42 -11.83
N TYR B 128 -8.66 -5.15 -12.57
CA TYR B 128 -8.31 -6.52 -12.20
C TYR B 128 -7.56 -6.56 -10.87
N PHE B 129 -6.62 -5.62 -10.69
CA PHE B 129 -5.87 -5.55 -9.45
C PHE B 129 -6.79 -5.37 -8.25
N PHE B 130 -7.74 -4.43 -8.35
CA PHE B 130 -8.63 -4.16 -7.23
C PHE B 130 -9.66 -5.27 -7.05
N ALA B 131 -10.07 -5.94 -8.14
CA ALA B 131 -10.95 -7.09 -8.00
C ALA B 131 -10.28 -8.20 -7.19
N VAL B 132 -9.03 -8.52 -7.53
CA VAL B 132 -8.28 -9.53 -6.78
C VAL B 132 -8.07 -9.08 -5.34
N PHE B 133 -7.72 -7.81 -5.15
CA PHE B 133 -7.52 -7.25 -3.82
C PHE B 133 -8.76 -7.44 -2.95
N LEU B 134 -9.93 -7.06 -3.48
CA LEU B 134 -11.16 -7.13 -2.71
C LEU B 134 -11.59 -8.57 -2.48
N THR B 135 -11.38 -9.45 -3.45
CA THR B 135 -11.68 -10.87 -3.24
C THR B 135 -10.85 -11.44 -2.11
N LEU B 136 -9.56 -11.14 -2.09
CA LEU B 136 -8.69 -11.66 -1.03
C LEU B 136 -9.02 -11.06 0.32
N TRP B 137 -9.37 -9.78 0.38
CA TRP B 137 -9.77 -9.19 1.64
C TRP B 137 -11.10 -9.74 2.15
N CYS B 138 -12.03 -10.04 1.24
CA CYS B 138 -13.24 -10.74 1.63
C CYS B 138 -12.93 -12.12 2.20
N GLY B 139 -11.98 -12.83 1.60
CA GLY B 139 -11.53 -14.09 2.16
C GLY B 139 -10.91 -13.98 3.54
N VAL B 140 -10.08 -12.96 3.74
CA VAL B 140 -9.49 -12.71 5.06
C VAL B 140 -10.59 -12.43 6.09
N ALA B 141 -11.56 -11.59 5.72
CA ALA B 141 -12.69 -11.30 6.60
C ALA B 141 -13.50 -12.55 6.90
N ALA B 142 -13.72 -13.39 5.90
CA ALA B 142 -14.45 -14.64 6.12
C ALA B 142 -13.70 -15.55 7.08
N PHE B 143 -12.39 -15.65 6.96
CA PHE B 143 -11.62 -16.54 7.82
C PHE B 143 -11.44 -16.01 9.23
N VAL B 144 -11.48 -14.69 9.44
CA VAL B 144 -11.42 -14.16 10.80
C VAL B 144 -12.79 -14.05 11.46
N THR B 145 -13.88 -14.17 10.70
CA THR B 145 -15.21 -14.03 11.26
C THR B 145 -15.67 -15.37 11.85
N PRO B 146 -15.97 -15.43 13.15
CA PRO B 146 -16.37 -16.70 13.75
C PRO B 146 -17.86 -17.03 13.62
N SER B 147 -18.69 -16.09 13.19
CA SER B 147 -20.12 -16.32 13.07
C SER B 147 -20.46 -16.85 11.69
N ALA B 148 -21.75 -16.98 11.39
CA ALA B 148 -22.21 -17.37 10.07
C ALA B 148 -22.01 -16.27 9.03
N TYR B 149 -21.80 -15.03 9.47
CA TYR B 149 -21.56 -13.91 8.57
C TYR B 149 -20.26 -14.07 7.79
N ARG B 150 -19.38 -14.97 8.21
CA ARG B 150 -18.26 -15.35 7.38
C ARG B 150 -18.70 -15.84 6.01
N PHE B 151 -19.78 -16.65 5.96
CA PHE B 151 -20.35 -17.06 4.69
C PHE B 151 -20.90 -15.89 3.91
N ALA B 152 -21.28 -14.81 4.60
CA ALA B 152 -21.56 -13.56 3.90
C ALA B 152 -20.29 -13.02 3.26
N TYR B 153 -19.21 -12.90 4.02
CA TYR B 153 -17.95 -12.40 3.47
C TYR B 153 -17.48 -13.26 2.31
N TYR B 154 -17.48 -14.58 2.50
CA TYR B 154 -17.18 -15.49 1.41
C TYR B 154 -18.05 -15.19 0.20
N ALA B 155 -19.36 -15.05 0.41
CA ALA B 155 -20.25 -14.70 -0.69
C ALA B 155 -19.83 -13.38 -1.33
N LEU B 156 -19.51 -12.38 -0.50
CA LEU B 156 -19.00 -11.13 -1.04
C LEU B 156 -17.78 -11.37 -1.92
N GLY B 157 -16.85 -12.20 -1.45
CA GLY B 157 -15.73 -12.58 -2.29
C GLY B 157 -16.13 -13.27 -3.56
N CYS B 158 -17.10 -14.18 -3.48
CA CYS B 158 -17.63 -14.84 -4.66
C CYS B 158 -18.35 -13.88 -5.58
N CYS B 159 -18.77 -12.71 -5.07
CA CYS B 159 -19.35 -11.67 -5.90
C CYS B 159 -18.30 -10.84 -6.60
N TRP B 160 -17.04 -10.96 -6.20
CA TRP B 160 -15.94 -10.25 -6.84
C TRP B 160 -15.07 -11.13 -7.70
N PHE B 161 -14.97 -12.42 -7.37
CA PHE B 161 -14.12 -13.34 -8.14
C PHE B 161 -14.86 -13.90 -9.35
N THR B 162 -16.15 -14.19 -9.21
CA THR B 162 -16.91 -14.74 -10.33
C THR B 162 -16.95 -13.80 -11.53
N PRO B 163 -17.26 -12.51 -11.40
CA PRO B 163 -17.15 -11.63 -12.58
C PRO B 163 -15.72 -11.50 -13.07
N PHE B 164 -14.78 -11.21 -12.17
CA PHE B 164 -13.39 -11.02 -12.55
C PHE B 164 -12.87 -12.23 -13.34
N ALA B 165 -13.05 -13.43 -12.79
CA ALA B 165 -12.61 -14.64 -13.50
C ALA B 165 -13.32 -14.79 -14.84
N LEU B 166 -14.60 -14.42 -14.92
CA LEU B 166 -15.29 -14.47 -16.20
C LEU B 166 -14.86 -13.34 -17.11
N SER B 167 -14.44 -12.21 -16.55
CA SER B 167 -13.95 -11.13 -17.39
C SER B 167 -12.55 -11.42 -17.90
N LEU B 168 -11.62 -11.69 -16.99
CA LEU B 168 -10.24 -11.98 -17.37
C LEU B 168 -10.18 -13.05 -18.44
N MET B 169 -10.86 -14.18 -18.20
CA MET B 169 -10.88 -15.27 -19.17
C MET B 169 -11.26 -14.77 -20.55
N ARG B 170 -12.35 -14.01 -20.63
CA ARG B 170 -12.76 -13.43 -21.91
C ARG B 170 -11.63 -12.63 -22.53
N HIS B 171 -11.05 -11.70 -21.76
CA HIS B 171 -9.96 -10.89 -22.29
C HIS B 171 -8.78 -11.77 -22.69
N VAL B 172 -8.51 -12.83 -21.90
CA VAL B 172 -7.42 -13.72 -22.25
C VAL B 172 -7.66 -14.34 -23.63
N LYS B 173 -8.91 -14.75 -23.91
CA LYS B 173 -9.23 -15.24 -25.23
C LYS B 173 -8.88 -14.20 -26.30
N GLU B 174 -9.26 -12.94 -26.06
CA GLU B 174 -8.99 -11.90 -27.04
C GLU B 174 -7.49 -11.75 -27.29
N ARG B 175 -6.68 -12.06 -26.28
CA ARG B 175 -5.24 -11.97 -26.47
C ARG B 175 -4.65 -13.27 -27.02
N TYR B 176 -5.32 -14.40 -26.78
CA TYR B 176 -4.73 -15.69 -27.12
C TYR B 176 -4.51 -15.82 -28.62
N LEU B 177 -5.48 -15.35 -29.42
CA LEU B 177 -5.35 -15.44 -30.87
C LEU B 177 -4.24 -14.52 -31.39
N VAL B 178 -3.83 -13.53 -30.61
CA VAL B 178 -2.83 -12.58 -31.07
C VAL B 178 -1.46 -13.22 -31.16
N TYR B 179 -1.12 -14.08 -30.21
CA TYR B 179 0.25 -14.56 -30.06
C TYR B 179 0.52 -15.76 -30.96
N PRO B 180 1.78 -15.99 -31.31
CA PRO B 180 2.10 -17.12 -32.19
C PRO B 180 1.89 -18.43 -31.48
N PRO B 181 1.87 -19.55 -32.23
CA PRO B 181 1.57 -20.85 -31.63
C PRO B 181 2.49 -21.27 -30.49
N LYS B 182 3.77 -20.87 -30.49
CA LYS B 182 4.64 -21.24 -29.38
C LYS B 182 4.31 -20.43 -28.12
N CYS B 183 4.23 -19.11 -28.26
CA CYS B 183 3.72 -18.29 -27.17
C CYS B 183 2.31 -18.71 -26.80
N GLN B 184 1.52 -19.17 -27.77
CA GLN B 184 0.19 -19.68 -27.48
C GLN B 184 0.25 -20.93 -26.61
N ARG B 185 1.22 -21.80 -26.86
CA ARG B 185 1.37 -23.01 -26.04
C ARG B 185 1.72 -22.66 -24.61
N TRP B 186 2.70 -21.76 -24.43
CA TRP B 186 3.06 -21.35 -23.08
C TRP B 186 1.91 -20.65 -22.37
N LEU B 187 1.20 -19.78 -23.10
CA LEU B 187 0.03 -19.11 -22.55
C LEU B 187 -1.07 -20.09 -22.19
N PHE B 188 -1.28 -21.12 -23.01
CA PHE B 188 -2.30 -22.12 -22.73
C PHE B 188 -1.97 -22.86 -21.44
N TRP B 189 -0.71 -23.28 -21.28
CA TRP B 189 -0.36 -24.02 -20.07
C TRP B 189 -0.38 -23.13 -18.84
N ALA B 190 -0.14 -21.83 -18.99
CA ALA B 190 -0.28 -20.93 -17.85
C ALA B 190 -1.75 -20.64 -17.53
N CYS B 191 -2.60 -20.50 -18.55
CA CYS B 191 -4.01 -20.27 -18.31
C CYS B 191 -4.70 -21.50 -17.75
N VAL B 192 -4.21 -22.69 -18.08
CA VAL B 192 -4.71 -23.88 -17.43
C VAL B 192 -4.49 -23.78 -15.93
N ILE B 193 -3.28 -23.42 -15.51
CA ILE B 193 -2.99 -23.23 -14.10
C ILE B 193 -3.90 -22.18 -13.49
N PHE B 194 -3.99 -21.02 -14.14
CA PHE B 194 -4.81 -19.94 -13.62
C PHE B 194 -6.26 -20.40 -13.43
N PHE B 195 -6.93 -20.77 -14.52
CA PHE B 195 -8.38 -20.97 -14.47
C PHE B 195 -8.73 -22.35 -13.94
N GLY B 196 -7.75 -23.18 -13.60
CA GLY B 196 -8.05 -24.43 -12.94
C GLY B 196 -7.65 -24.48 -11.48
N PHE B 197 -6.79 -23.57 -11.04
CA PHE B 197 -6.32 -23.56 -9.67
C PHE B 197 -6.84 -22.40 -8.86
N TRP B 198 -7.06 -21.23 -9.47
CA TRP B 198 -7.73 -20.15 -8.76
C TRP B 198 -9.12 -20.54 -8.27
N PRO B 199 -9.95 -21.24 -9.04
CA PRO B 199 -11.24 -21.70 -8.50
C PRO B 199 -11.12 -22.68 -7.35
N MET B 200 -9.96 -23.32 -7.15
CA MET B 200 -9.83 -24.30 -6.08
C MET B 200 -10.02 -23.67 -4.70
N PHE B 201 -9.49 -22.47 -4.49
CA PHE B 201 -9.55 -21.80 -3.19
C PHE B 201 -10.99 -21.61 -2.71
N PRO B 202 -11.91 -21.09 -3.54
CA PRO B 202 -13.31 -21.04 -3.10
C PRO B 202 -13.89 -22.41 -2.74
N ILE B 203 -13.54 -23.44 -3.52
CA ILE B 203 -14.03 -24.79 -3.21
C ILE B 203 -13.39 -25.31 -1.93
N LEU B 204 -12.10 -24.99 -1.72
CA LEU B 204 -11.42 -25.42 -0.50
C LEU B 204 -12.03 -24.76 0.73
N PHE B 205 -12.54 -23.54 0.59
CA PHE B 205 -13.20 -22.88 1.71
C PHE B 205 -14.41 -23.68 2.19
N ILE B 206 -15.20 -24.20 1.25
CA ILE B 206 -16.46 -24.86 1.60
C ILE B 206 -16.20 -26.10 2.44
N PHE B 207 -15.18 -26.87 2.09
CA PHE B 207 -14.90 -28.13 2.77
C PHE B 207 -13.86 -27.99 3.89
N SER B 208 -13.42 -26.77 4.18
CA SER B 208 -12.48 -26.54 5.27
C SER B 208 -13.19 -26.65 6.62
N TRP B 209 -12.43 -26.45 7.68
CA TRP B 209 -12.99 -26.47 9.03
C TRP B 209 -13.99 -25.34 9.25
N LEU B 210 -13.92 -24.27 8.46
CA LEU B 210 -14.88 -23.18 8.53
C LEU B 210 -16.12 -23.44 7.68
N GLY B 211 -16.17 -24.58 7.00
CA GLY B 211 -17.32 -24.96 6.21
C GLY B 211 -17.89 -26.29 6.68
N THR B 212 -17.92 -27.27 5.79
CA THR B 212 -18.40 -28.61 6.12
C THR B 212 -17.48 -29.36 7.08
N GLY B 213 -16.25 -28.88 7.27
CA GLY B 213 -15.34 -29.51 8.21
C GLY B 213 -14.65 -30.75 7.71
N HIS B 214 -14.44 -30.87 6.41
CA HIS B 214 -13.78 -32.03 5.83
C HIS B 214 -12.27 -31.91 5.75
N ILE B 215 -11.75 -30.69 5.58
CA ILE B 215 -10.32 -30.45 5.47
C ILE B 215 -9.85 -29.72 6.72
N SER B 216 -8.86 -30.29 7.39
CA SER B 216 -8.28 -29.67 8.57
C SER B 216 -7.40 -28.49 8.19
N GLN B 217 -7.00 -27.71 9.20
CA GLN B 217 -6.14 -26.58 8.94
C GLN B 217 -4.74 -27.02 8.51
N GLN B 218 -4.24 -28.14 9.04
CA GLN B 218 -2.95 -28.67 8.60
C GLN B 218 -3.00 -29.07 7.13
N ALA B 219 -4.02 -29.82 6.74
CA ALA B 219 -4.20 -30.17 5.35
C ALA B 219 -4.39 -28.93 4.49
N PHE B 220 -5.08 -27.93 5.03
CA PHE B 220 -5.24 -26.67 4.32
C PHE B 220 -3.88 -26.01 4.06
N TYR B 221 -3.01 -26.01 5.06
CA TYR B 221 -1.68 -25.42 4.90
C TYR B 221 -0.88 -26.16 3.85
N ILE B 222 -0.93 -27.49 3.88
CA ILE B 222 -0.18 -28.27 2.89
C ILE B 222 -0.74 -28.04 1.47
N ILE B 223 -2.06 -28.03 1.33
CA ILE B 223 -2.68 -27.83 0.03
C ILE B 223 -2.34 -26.44 -0.51
N HIS B 224 -2.39 -25.43 0.34
CA HIS B 224 -2.06 -24.08 -0.12
C HIS B 224 -0.56 -23.90 -0.36
N ALA B 225 0.29 -24.67 0.31
CA ALA B 225 1.70 -24.68 -0.04
C ALA B 225 1.92 -25.21 -1.44
N PHE B 226 1.25 -26.32 -1.78
CA PHE B 226 1.33 -26.82 -3.15
C PHE B 226 0.75 -25.84 -4.15
N LEU B 227 -0.38 -25.21 -3.81
CA LEU B 227 -0.99 -24.22 -4.71
C LEU B 227 -0.07 -23.02 -4.94
N ASP B 228 0.56 -22.50 -3.89
CA ASP B 228 1.54 -21.43 -4.05
C ASP B 228 2.77 -21.86 -4.83
N LEU B 229 3.18 -23.13 -4.69
CA LEU B 229 4.19 -23.66 -5.59
C LEU B 229 3.74 -23.62 -7.04
N THR B 230 2.45 -23.87 -7.29
CA THR B 230 1.95 -23.85 -8.66
C THR B 230 1.54 -22.44 -9.10
N CYS B 231 0.79 -21.72 -8.26
CA CYS B 231 0.22 -20.44 -8.67
C CYS B 231 1.26 -19.32 -8.72
N LYS B 232 2.28 -19.40 -7.88
CA LYS B 232 3.37 -18.43 -7.94
C LYS B 232 4.52 -18.91 -8.81
N SER B 233 5.12 -20.04 -8.44
CA SER B 233 6.40 -20.43 -9.03
C SER B 233 6.23 -20.97 -10.44
N ILE B 234 5.40 -22.00 -10.60
CA ILE B 234 5.22 -22.60 -11.93
C ILE B 234 4.57 -21.60 -12.87
N PHE B 235 3.60 -20.85 -12.38
CA PHE B 235 2.96 -19.84 -13.22
C PHE B 235 3.94 -18.75 -13.62
N GLY B 236 4.81 -18.33 -12.70
CA GLY B 236 5.82 -17.35 -13.03
C GLY B 236 6.85 -17.87 -14.02
N ILE B 237 7.21 -19.14 -13.91
CA ILE B 237 8.11 -19.75 -14.90
C ILE B 237 7.45 -19.78 -16.26
N LEU B 238 6.16 -20.13 -16.32
CA LEU B 238 5.45 -20.13 -17.58
C LEU B 238 5.32 -18.72 -18.17
N MET B 239 5.08 -17.71 -17.33
CA MET B 239 5.14 -16.32 -17.77
C MET B 239 6.50 -15.93 -18.31
N THR B 240 7.58 -16.34 -17.63
CA THR B 240 8.92 -16.02 -18.10
C THR B 240 9.21 -16.66 -19.44
N VAL B 241 8.82 -17.92 -19.61
CA VAL B 241 9.06 -18.61 -20.88
C VAL B 241 8.18 -18.03 -21.98
N PHE B 242 6.95 -17.66 -21.66
CA PHE B 242 6.07 -17.01 -22.63
C PHE B 242 6.65 -15.67 -23.06
N ARG B 243 7.17 -14.89 -22.11
CA ARG B 243 7.81 -13.63 -22.45
C ARG B 243 9.07 -13.83 -23.29
N LEU B 244 9.86 -14.85 -22.98
CA LEU B 244 11.04 -15.15 -23.81
C LEU B 244 10.64 -15.51 -25.23
N GLU B 245 9.60 -16.35 -25.39
CA GLU B 245 9.15 -16.70 -26.73
C GLU B 245 8.58 -15.49 -27.46
N LEU B 246 7.83 -14.64 -26.77
CA LEU B 246 7.30 -13.43 -27.38
C LEU B 246 8.42 -12.49 -27.81
N GLU B 247 9.45 -12.34 -26.98
CA GLU B 247 10.57 -11.48 -27.33
C GLU B 247 11.37 -12.06 -28.48
N GLU B 248 11.50 -13.39 -28.54
CA GLU B 248 12.17 -14.01 -29.67
C GLU B 248 11.40 -13.80 -30.96
N HIS B 249 10.07 -13.87 -30.89
CA HIS B 249 9.25 -13.67 -32.08
C HIS B 249 9.25 -12.21 -32.53
N THR B 250 9.06 -11.27 -31.60
CA THR B 250 8.79 -9.89 -31.96
C THR B 250 10.02 -8.99 -31.89
N GLU B 251 10.99 -9.32 -31.03
CA GLU B 251 12.18 -8.48 -30.89
C GLU B 251 13.41 -9.07 -31.56
N VAL B 252 13.69 -10.35 -31.36
CA VAL B 252 14.85 -10.98 -31.98
C VAL B 252 14.62 -11.19 -33.47
N GLN B 253 13.45 -11.70 -33.85
CA GLN B 253 13.10 -11.89 -35.25
C GLN B 253 12.34 -10.72 -35.86
N GLY B 254 11.80 -9.83 -35.03
CA GLY B 254 11.07 -8.68 -35.56
C GLY B 254 9.76 -9.02 -36.23
N LEU B 255 9.24 -10.24 -36.03
CA LEU B 255 8.01 -10.64 -36.66
C LEU B 255 6.80 -10.01 -35.96
N PRO B 256 5.72 -9.77 -36.69
CA PRO B 256 4.54 -9.16 -36.07
C PRO B 256 3.62 -10.19 -35.42
N LEU B 257 2.80 -9.70 -34.51
CA LEU B 257 1.78 -10.51 -33.87
C LEU B 257 0.59 -10.69 -34.81
N ASN B 258 -0.22 -11.71 -34.52
CA ASN B 258 -1.46 -11.95 -35.29
C ASN B 258 -2.60 -11.05 -34.83
N GLU B 259 -2.39 -9.74 -34.80
CA GLU B 259 -3.39 -8.81 -34.31
C GLU B 259 -4.08 -8.08 -35.46
N PRO C 1 -5.87 -5.52 13.84
CA PRO C 1 -5.64 -4.42 14.78
C PRO C 1 -6.55 -4.49 15.98
N PHE C 2 -7.33 -5.57 16.08
CA PHE C 2 -8.44 -5.62 16.99
C PHE C 2 -8.07 -6.33 18.28
N TYR C 3 -8.47 -5.75 19.40
CA TYR C 3 -8.34 -6.32 20.74
C TYR C 3 -9.68 -6.42 21.44
N ASP C 4 -10.59 -5.50 21.19
CA ASP C 4 -11.89 -5.50 21.84
C ASP C 4 -12.86 -6.43 21.12
N SER C 5 -13.93 -6.78 21.82
CA SER C 5 -14.98 -7.61 21.27
C SER C 5 -16.28 -7.28 22.00
N ARG C 6 -17.39 -7.64 21.37
CA ARG C 6 -18.68 -7.45 22.02
C ARG C 6 -18.78 -8.41 23.20
N PRO C 7 -19.15 -7.93 24.39
CA PRO C 7 -19.24 -8.81 25.55
C PRO C 7 -20.28 -9.90 25.34
N PRO C 8 -20.10 -11.06 25.97
CA PRO C 8 -21.08 -12.15 25.79
C PRO C 8 -22.49 -11.75 26.15
N GLU C 9 -22.65 -10.88 27.15
CA GLU C 9 -23.97 -10.36 27.52
C GLU C 9 -24.39 -9.18 26.65
N GLY C 10 -23.56 -8.77 25.70
CA GLY C 10 -23.85 -7.64 24.85
C GLY C 10 -23.12 -6.39 25.28
N TRP C 11 -23.22 -5.37 24.45
CA TRP C 11 -22.58 -4.10 24.75
C TRP C 11 -23.18 -3.50 26.01
N PRO C 12 -22.36 -2.91 26.89
CA PRO C 12 -22.91 -2.27 28.10
C PRO C 12 -23.91 -1.20 27.75
N LYS C 13 -25.00 -1.14 28.51
CA LYS C 13 -26.06 -0.18 28.26
C LYS C 13 -25.57 1.23 28.55
N GLY C 14 -25.79 2.14 27.61
CA GLY C 14 -25.31 3.50 27.75
C GLY C 14 -23.94 3.76 27.16
N SER C 15 -23.26 2.73 26.65
CA SER C 15 -21.96 2.91 26.04
C SER C 15 -22.12 3.42 24.60
N ILE C 16 -21.01 3.82 23.99
CA ILE C 16 -21.05 4.30 22.62
C ILE C 16 -21.35 3.21 21.61
N ASN C 17 -21.17 1.95 21.99
CA ASN C 17 -21.47 0.82 21.12
C ASN C 17 -22.88 0.29 21.32
N ASP C 18 -23.64 0.85 22.25
CA ASP C 18 -25.03 0.45 22.48
C ASP C 18 -25.90 1.19 21.47
N MET C 19 -25.82 0.76 20.22
CA MET C 19 -26.48 1.42 19.10
C MET C 19 -27.62 0.56 18.58
N ASP C 20 -28.33 1.10 17.59
CA ASP C 20 -29.37 0.37 16.87
C ASP C 20 -28.71 -0.35 15.72
N TYR C 21 -28.35 -1.61 15.94
CA TYR C 21 -27.54 -2.36 14.99
C TYR C 21 -28.33 -2.87 13.80
N PRO C 22 -29.57 -3.33 13.94
CA PRO C 22 -30.36 -3.61 12.73
C PRO C 22 -30.54 -2.39 11.83
N LEU C 23 -30.79 -1.22 12.42
CA LEU C 23 -30.95 0.01 11.63
C LEU C 23 -29.64 0.40 10.96
N LEU C 24 -28.53 0.36 11.71
CA LEU C 24 -27.23 0.71 11.14
C LEU C 24 -26.85 -0.26 10.03
N GLY C 25 -27.13 -1.55 10.22
CA GLY C 25 -26.87 -2.52 9.18
C GLY C 25 -27.72 -2.32 7.94
N SER C 26 -28.99 -1.98 8.11
CA SER C 26 -29.84 -1.68 6.95
C SER C 26 -29.35 -0.45 6.21
N ILE C 27 -28.96 0.60 6.94
CA ILE C 27 -28.42 1.79 6.29
C ILE C 27 -27.13 1.44 5.54
N CYS C 28 -26.26 0.64 6.16
CA CYS C 28 -25.03 0.24 5.50
C CYS C 28 -25.30 -0.61 4.26
N ALA C 29 -26.30 -1.48 4.31
CA ALA C 29 -26.64 -2.30 3.14
C ALA C 29 -27.18 -1.44 2.00
N VAL C 30 -28.05 -0.47 2.32
CA VAL C 30 -28.56 0.42 1.29
C VAL C 30 -27.43 1.25 0.69
N CYS C 31 -26.53 1.76 1.54
CA CYS C 31 -25.38 2.50 1.04
C CYS C 31 -24.49 1.63 0.17
N CYS C 32 -24.26 0.38 0.59
CA CYS C 32 -23.47 -0.56 -0.21
C CYS C 32 -24.08 -0.72 -1.59
N VAL C 33 -25.38 -0.98 -1.64
CA VAL C 33 -26.04 -1.19 -2.93
C VAL C 33 -25.91 0.05 -3.79
N PHE C 34 -26.19 1.24 -3.23
CA PHE C 34 -26.19 2.45 -4.04
C PHE C 34 -24.79 2.79 -4.53
N VAL C 35 -23.79 2.73 -3.64
CA VAL C 35 -22.42 3.10 -4.03
C VAL C 35 -21.84 2.09 -5.01
N ALA C 36 -22.08 0.79 -4.78
CA ALA C 36 -21.60 -0.22 -5.71
C ALA C 36 -22.27 -0.09 -7.07
N GLY C 37 -23.57 0.18 -7.10
CA GLY C 37 -24.24 0.39 -8.37
C GLY C 37 -23.75 1.64 -9.08
N SER C 38 -23.47 2.71 -8.34
CA SER C 38 -22.91 3.91 -8.95
C SER C 38 -21.54 3.64 -9.55
N GLY C 39 -20.70 2.88 -8.86
CA GLY C 39 -19.41 2.51 -9.42
C GLY C 39 -19.51 1.60 -10.63
N ILE C 40 -20.46 0.66 -10.61
CA ILE C 40 -20.68 -0.20 -11.76
C ILE C 40 -21.13 0.63 -12.96
N TRP C 41 -22.05 1.58 -12.73
CA TRP C 41 -22.47 2.45 -13.82
C TRP C 41 -21.32 3.31 -14.31
N MET C 42 -20.46 3.79 -13.40
CA MET C 42 -19.32 4.59 -13.81
C MET C 42 -18.41 3.80 -14.73
N LEU C 43 -18.08 2.56 -14.35
CA LEU C 43 -17.21 1.74 -15.20
C LEU C 43 -17.88 1.37 -16.51
N TYR C 44 -19.19 1.06 -16.48
CA TYR C 44 -19.90 0.72 -17.70
C TYR C 44 -19.95 1.90 -18.66
N ARG C 45 -20.22 3.10 -18.13
CA ARG C 45 -20.26 4.30 -18.96
C ARG C 45 -18.88 4.64 -19.48
N LEU C 46 -17.84 4.39 -18.69
CA LEU C 46 -16.48 4.60 -19.15
C LEU C 46 -16.13 3.67 -20.30
N ASP C 47 -16.56 2.41 -20.22
CA ASP C 47 -16.30 1.46 -21.29
C ASP C 47 -17.14 1.72 -22.54
N LEU C 48 -18.15 2.58 -22.45
CA LEU C 48 -19.00 2.85 -23.60
C LEU C 48 -18.27 3.66 -24.66
N MET C 50 -15.97 7.79 -25.41
CA MET C 50 -15.66 9.13 -24.94
C MET C 50 -16.81 10.09 -25.20
N GLY C 51 -17.23 10.79 -24.14
CA GLY C 51 -18.26 11.79 -24.26
C GLY C 51 -19.66 11.21 -24.33
N TYR C 52 -20.62 12.12 -24.51
CA TYR C 52 -22.01 11.72 -24.67
C TYR C 52 -22.26 10.97 -25.97
N SER C 53 -21.44 11.21 -27.00
CA SER C 53 -21.56 10.52 -28.26
C SER C 53 -20.99 9.11 -28.24
N CYS C 54 -20.32 8.72 -27.15
CA CYS C 54 -19.71 7.40 -26.99
C CYS C 54 -18.76 7.10 -28.15
N LYS C 55 -17.88 8.04 -28.44
CA LYS C 55 -16.89 7.85 -29.49
C LYS C 55 -15.92 6.75 -29.08
N PRO C 56 -15.70 5.74 -29.92
CA PRO C 56 -14.83 4.63 -29.54
C PRO C 56 -13.40 5.10 -29.28
N TYR C 57 -12.76 4.48 -28.29
CA TYR C 57 -11.37 4.78 -27.99
C TYR C 57 -10.48 4.32 -29.13
N LYS C 58 -9.43 5.10 -29.42
CA LYS C 58 -8.50 4.73 -30.47
C LYS C 58 -7.79 3.42 -30.16
N SER C 59 -7.39 3.24 -28.91
CA SER C 59 -6.75 1.99 -28.48
C SER C 59 -7.75 0.91 -28.11
N GLY C 60 -9.06 1.21 -28.15
CA GLY C 60 -10.08 0.25 -27.82
C GLY C 60 -10.39 0.11 -26.35
N ARG C 61 -9.65 0.80 -25.48
CA ARG C 61 -9.86 0.74 -24.05
C ARG C 61 -9.70 2.13 -23.46
N ALA C 62 -10.39 2.36 -22.35
CA ALA C 62 -10.32 3.65 -21.67
C ALA C 62 -8.99 3.79 -20.93
N PRO C 63 -8.58 5.02 -20.63
CA PRO C 63 -7.40 5.22 -19.78
C PRO C 63 -7.61 4.57 -18.42
N GLU C 64 -6.53 4.01 -17.88
CA GLU C 64 -6.63 3.24 -16.64
C GLU C 64 -7.01 4.12 -15.45
N VAL C 65 -6.51 5.36 -15.41
CA VAL C 65 -6.84 6.27 -14.32
C VAL C 65 -8.29 6.73 -14.38
N ASN C 66 -8.93 6.65 -15.54
CA ASN C 66 -10.33 7.01 -15.67
C ASN C 66 -11.25 6.03 -14.95
N SER C 67 -10.78 4.84 -14.63
CA SER C 67 -11.55 3.86 -13.88
C SER C 67 -11.50 4.12 -12.38
N LEU C 68 -10.75 5.12 -11.93
CA LEU C 68 -10.56 5.35 -10.51
C LEU C 68 -11.88 5.68 -9.81
N SER C 69 -12.73 6.49 -10.45
CA SER C 69 -14.01 6.84 -9.83
C SER C 69 -14.84 5.60 -9.55
N GLY C 70 -15.06 4.77 -10.57
CA GLY C 70 -15.83 3.56 -10.39
C GLY C 70 -15.17 2.55 -9.48
N ILE C 71 -13.85 2.43 -9.55
CA ILE C 71 -13.12 1.51 -8.68
C ILE C 71 -13.28 1.92 -7.22
N ILE C 72 -13.14 3.22 -6.94
CA ILE C 72 -13.30 3.72 -5.58
C ILE C 72 -14.72 3.52 -5.11
N CYS C 73 -15.70 3.77 -5.96
CA CYS C 73 -17.09 3.55 -5.56
C CYS C 73 -17.37 2.08 -5.28
N LEU C 74 -16.84 1.17 -6.09
CA LEU C 74 -17.02 -0.25 -5.84
C LEU C 74 -16.31 -0.71 -4.58
N LEU C 75 -15.11 -0.19 -4.32
CA LEU C 75 -14.41 -0.52 -3.08
C LEU C 75 -15.17 0.00 -1.86
N CYS C 76 -15.72 1.22 -1.95
CA CYS C 76 -16.52 1.75 -0.86
C CYS C 76 -17.80 0.94 -0.66
N GLY C 77 -18.42 0.49 -1.75
CA GLY C 77 -19.60 -0.37 -1.62
C GLY C 77 -19.28 -1.71 -1.02
N THR C 78 -18.14 -2.30 -1.37
CA THR C 78 -17.70 -3.53 -0.73
C THR C 78 -17.44 -3.33 0.76
N MET C 79 -16.80 -2.22 1.12
CA MET C 79 -16.57 -1.92 2.52
C MET C 79 -17.89 -1.68 3.25
N TYR C 80 -18.89 -1.12 2.57
CA TYR C 80 -20.19 -0.95 3.20
C TYR C 80 -20.95 -2.27 3.34
N ALA C 81 -20.75 -3.21 2.41
CA ALA C 81 -21.27 -4.56 2.62
C ALA C 81 -20.64 -5.21 3.84
N ALA C 82 -19.32 -5.06 4.00
CA ALA C 82 -18.65 -5.55 5.19
C ALA C 82 -19.16 -4.84 6.45
N LYS C 83 -19.41 -3.54 6.38
CA LYS C 83 -19.96 -2.79 7.50
C LYS C 83 -21.35 -3.29 7.87
N SER C 84 -22.18 -3.58 6.86
CA SER C 84 -23.49 -4.15 7.12
C SER C 84 -23.38 -5.52 7.77
N PHE C 85 -22.41 -6.33 7.33
CA PHE C 85 -22.17 -7.62 7.97
C PHE C 85 -21.80 -7.43 9.44
N ASP C 86 -20.93 -6.45 9.72
CA ASP C 86 -20.51 -6.20 11.09
C ASP C 86 -21.65 -5.70 11.96
N PHE C 87 -22.45 -4.77 11.44
CA PHE C 87 -23.55 -4.21 12.22
C PHE C 87 -24.65 -5.23 12.45
N PHE C 88 -24.97 -6.03 11.44
CA PHE C 88 -25.99 -7.08 11.59
C PHE C 88 -25.51 -8.19 12.51
N ASP C 89 -24.20 -8.31 12.71
CA ASP C 89 -23.64 -9.24 13.68
C ASP C 89 -23.59 -8.66 15.09
N GLY C 90 -24.04 -7.42 15.26
CA GLY C 90 -24.07 -6.78 16.56
C GLY C 90 -22.90 -5.88 16.88
N GLY C 91 -21.99 -5.67 15.93
CA GLY C 91 -20.83 -4.85 16.15
C GLY C 91 -19.72 -5.60 16.87
N GLY C 92 -18.53 -5.00 16.87
CA GLY C 92 -17.40 -5.57 17.55
C GLY C 92 -16.87 -6.85 16.94
N THR C 93 -17.24 -7.12 15.69
CA THR C 93 -16.80 -8.24 14.86
C THR C 93 -15.31 -8.10 14.56
N PRO C 94 -14.54 -9.21 14.58
CA PRO C 94 -13.10 -9.11 14.38
C PRO C 94 -12.70 -8.32 13.14
N PHE C 95 -13.41 -8.54 12.02
CA PHE C 95 -13.20 -7.74 10.82
C PHE C 95 -14.29 -6.67 10.77
N SER C 96 -14.13 -5.65 11.60
CA SER C 96 -15.07 -4.54 11.67
C SER C 96 -14.49 -3.36 10.90
N LEU C 97 -15.14 -2.98 9.81
CA LEU C 97 -14.81 -1.77 9.08
C LEU C 97 -15.52 -0.56 9.64
N ASN C 98 -16.25 -0.75 10.73
CA ASN C 98 -16.91 0.33 11.47
C ASN C 98 -16.14 0.75 12.71
N TRP C 99 -15.35 -0.16 13.29
CA TRP C 99 -14.74 0.08 14.60
C TRP C 99 -13.79 1.26 14.55
N TYR C 100 -12.72 1.13 13.77
CA TYR C 100 -11.71 2.19 13.68
C TYR C 100 -12.20 3.23 12.69
N TRP C 101 -12.61 4.38 13.21
CA TRP C 101 -13.13 5.44 12.37
C TRP C 101 -12.05 5.99 11.44
N TYR C 102 -12.46 6.31 10.21
CA TYR C 102 -11.63 6.83 9.14
C TYR C 102 -10.59 5.84 8.66
N LEU C 103 -10.55 4.62 9.21
CA LEU C 103 -9.63 3.62 8.69
C LEU C 103 -10.03 3.19 7.28
N ASP C 104 -11.33 3.04 7.03
CA ASP C 104 -11.79 2.78 5.67
C ASP C 104 -11.45 3.93 4.75
N TYR C 105 -11.55 5.16 5.24
CA TYR C 105 -11.29 6.34 4.43
C TYR C 105 -9.85 6.41 3.92
N VAL C 106 -8.89 5.79 4.62
CA VAL C 106 -7.51 5.87 4.17
C VAL C 106 -7.35 5.06 2.89
N PHE C 107 -8.38 4.31 2.51
CA PHE C 107 -8.37 3.51 1.30
C PHE C 107 -9.09 4.22 0.16
N THR C 108 -10.18 4.92 0.44
CA THR C 108 -11.00 5.48 -0.64
C THR C 108 -10.60 6.90 -0.99
N THR C 109 -10.62 7.80 0.00
CA THR C 109 -10.54 9.24 -0.28
C THR C 109 -9.17 9.71 -0.77
N PRO C 110 -8.04 9.10 -0.37
CA PRO C 110 -6.78 9.45 -1.06
C PRO C 110 -6.84 9.14 -2.54
N LEU C 111 -7.14 7.89 -2.91
CA LEU C 111 -7.38 7.55 -4.30
C LEU C 111 -8.40 8.48 -4.95
N LEU C 112 -9.49 8.79 -4.24
CA LEU C 112 -10.46 9.75 -4.74
C LEU C 112 -9.79 11.06 -5.10
N ILE C 113 -8.98 11.62 -4.20
CA ILE C 113 -8.29 12.86 -4.52
C ILE C 113 -7.38 12.64 -5.72
N LEU C 114 -6.71 11.48 -5.79
CA LEU C 114 -5.92 11.16 -6.97
C LEU C 114 -6.79 11.21 -8.21
N ASP C 115 -7.95 10.56 -8.17
CA ASP C 115 -8.88 10.61 -9.29
C ASP C 115 -9.19 12.06 -9.65
N PHE C 116 -9.49 12.87 -8.64
CA PHE C 116 -9.76 14.28 -8.88
C PHE C 116 -8.57 14.93 -9.58
N ALA C 117 -7.37 14.71 -9.04
CA ALA C 117 -6.18 15.31 -9.63
C ALA C 117 -5.97 14.83 -11.06
N PHE C 118 -6.38 13.60 -11.37
CA PHE C 118 -6.23 13.11 -12.72
C PHE C 118 -7.29 13.69 -13.65
N THR C 119 -8.49 13.97 -13.13
CA THR C 119 -9.55 14.49 -13.98
C THR C 119 -9.34 15.95 -14.33
N LEU C 120 -8.75 16.72 -13.43
CA LEU C 120 -8.54 18.14 -13.62
C LEU C 120 -7.10 18.48 -13.99
N ASP C 121 -6.23 17.48 -14.14
CA ASP C 121 -4.82 17.67 -14.42
C ASP C 121 -4.20 18.62 -13.39
N LEU C 122 -4.52 18.36 -12.13
CA LEU C 122 -4.00 19.18 -11.04
C LEU C 122 -2.54 18.84 -10.78
N PRO C 123 -1.71 19.83 -10.47
CA PRO C 123 -0.30 19.55 -10.16
C PRO C 123 -0.14 18.89 -8.80
N HIS C 124 1.02 18.26 -8.62
CA HIS C 124 1.41 17.66 -7.34
C HIS C 124 0.40 16.61 -6.88
N LYS C 125 0.16 15.64 -7.76
CA LYS C 125 -0.79 14.57 -7.43
C LYS C 125 -0.30 13.74 -6.25
N ILE C 126 1.00 13.43 -6.21
CA ILE C 126 1.54 12.67 -5.09
C ILE C 126 1.46 13.48 -3.80
N ARG C 127 1.69 14.79 -3.89
CA ARG C 127 1.58 15.65 -2.72
C ARG C 127 0.17 15.63 -2.15
N TYR C 128 -0.84 15.78 -3.01
CA TYR C 128 -2.23 15.76 -2.56
C TYR C 128 -2.59 14.39 -1.99
N PHE C 129 -2.15 13.32 -2.67
CA PHE C 129 -2.43 11.98 -2.19
C PHE C 129 -1.88 11.76 -0.78
N PHE C 130 -0.63 12.17 -0.55
CA PHE C 130 -0.03 11.96 0.75
C PHE C 130 -0.60 12.90 1.80
N ALA C 131 -1.01 14.12 1.40
CA ALA C 131 -1.68 15.01 2.35
C ALA C 131 -2.97 14.40 2.86
N VAL C 132 -3.79 13.87 1.93
CA VAL C 132 -5.03 13.21 2.34
C VAL C 132 -4.73 11.97 3.18
N PHE C 133 -3.74 11.18 2.77
CA PHE C 133 -3.34 10.00 3.51
C PHE C 133 -2.98 10.34 4.96
N LEU C 134 -2.14 11.35 5.15
CA LEU C 134 -1.69 11.71 6.49
C LEU C 134 -2.81 12.33 7.31
N THR C 135 -3.68 13.11 6.68
CA THR C 135 -4.84 13.65 7.40
C THR C 135 -5.73 12.54 7.92
N LEU C 136 -6.01 11.54 7.08
CA LEU C 136 -6.86 10.44 7.51
C LEU C 136 -6.20 9.57 8.57
N TRP C 137 -4.90 9.35 8.46
CA TRP C 137 -4.21 8.60 9.51
C TRP C 137 -4.15 9.36 10.83
N CYS C 138 -4.01 10.68 10.78
CA CYS C 138 -4.12 11.48 11.99
C CYS C 138 -5.52 11.37 12.60
N GLY C 139 -6.55 11.33 11.77
CA GLY C 139 -7.89 11.09 12.28
C GLY C 139 -8.07 9.72 12.91
N VAL C 140 -7.51 8.69 12.29
CA VAL C 140 -7.55 7.35 12.89
C VAL C 140 -6.84 7.34 14.23
N ALA C 141 -5.66 7.95 14.31
CA ALA C 141 -4.93 8.05 15.56
C ALA C 141 -5.71 8.82 16.61
N ALA C 142 -6.37 9.91 16.21
CA ALA C 142 -7.20 10.67 17.15
C ALA C 142 -8.35 9.84 17.68
N PHE C 143 -9.00 9.05 16.82
CA PHE C 143 -10.14 8.26 17.27
C PHE C 143 -9.76 7.05 18.10
N VAL C 144 -8.55 6.50 17.92
CA VAL C 144 -8.12 5.39 18.77
C VAL C 144 -7.44 5.86 20.04
N THR C 145 -7.08 7.14 20.15
CA THR C 145 -6.39 7.65 21.33
C THR C 145 -7.41 8.01 22.41
N PRO C 146 -7.35 7.38 23.59
CA PRO C 146 -8.33 7.69 24.64
C PRO C 146 -8.00 8.89 25.51
N SER C 147 -6.78 9.43 25.42
CA SER C 147 -6.38 10.55 26.25
C SER C 147 -6.70 11.86 25.53
N ALA C 148 -6.27 12.98 26.11
CA ALA C 148 -6.40 14.29 25.49
C ALA C 148 -5.48 14.46 24.29
N TYR C 149 -4.46 13.62 24.17
CA TYR C 149 -3.54 13.69 23.03
C TYR C 149 -4.22 13.35 21.72
N ARG C 150 -5.42 12.78 21.76
CA ARG C 150 -6.24 12.67 20.56
C ARG C 150 -6.47 14.04 19.92
N PHE C 151 -6.74 15.07 20.74
CA PHE C 151 -6.85 16.42 20.22
C PHE C 151 -5.54 16.92 19.65
N ALA C 152 -4.41 16.39 20.11
CA ALA C 152 -3.16 16.61 19.40
C ALA C 152 -3.20 15.99 18.02
N TYR C 153 -3.56 14.71 17.92
CA TYR C 153 -3.64 14.05 16.62
C TYR C 153 -4.60 14.76 15.69
N TYR C 154 -5.80 15.08 16.19
CA TYR C 154 -6.73 15.89 15.43
C TYR C 154 -6.07 17.18 14.95
N ALA C 155 -5.39 17.88 15.86
CA ALA C 155 -4.70 19.09 15.45
C ALA C 155 -3.66 18.79 14.38
N LEU C 156 -2.91 17.70 14.53
CA LEU C 156 -1.98 17.29 13.49
C LEU C 156 -2.70 17.12 12.16
N GLY C 157 -3.86 16.45 12.19
CA GLY C 157 -4.66 16.35 10.98
C GLY C 157 -5.11 17.68 10.45
N CYS C 158 -5.52 18.59 11.33
CA CYS C 158 -5.88 19.94 10.92
C CYS C 158 -4.69 20.71 10.40
N CYS C 159 -3.47 20.28 10.73
CA CYS C 159 -2.26 20.87 10.16
C CYS C 159 -1.94 20.34 8.78
N TRP C 160 -2.60 19.27 8.37
CA TRP C 160 -2.41 18.70 7.04
C TRP C 160 -3.59 18.95 6.10
N PHE C 161 -4.79 19.09 6.64
CA PHE C 161 -5.97 19.32 5.81
C PHE C 161 -6.15 20.80 5.47
N THR C 162 -5.86 21.69 6.43
CA THR C 162 -6.03 23.12 6.18
C THR C 162 -5.14 23.62 5.04
N PRO C 163 -3.83 23.31 4.98
CA PRO C 163 -3.08 23.71 3.79
C PRO C 163 -3.56 23.02 2.52
N PHE C 164 -3.71 21.69 2.58
CA PHE C 164 -4.13 20.93 1.41
C PHE C 164 -5.42 21.49 0.82
N ALA C 165 -6.45 21.65 1.66
CA ALA C 165 -7.71 22.20 1.19
C ALA C 165 -7.53 23.62 0.65
N LEU C 166 -6.65 24.40 1.26
CA LEU C 166 -6.39 25.74 0.73
C LEU C 166 -5.54 25.68 -0.53
N SER C 167 -4.70 24.65 -0.67
CA SER C 167 -3.91 24.54 -1.89
C SER C 167 -4.77 24.01 -3.04
N LEU C 168 -5.42 22.86 -2.83
CA LEU C 168 -6.26 22.26 -3.87
C LEU C 168 -7.24 23.28 -4.42
N MET C 169 -7.97 23.97 -3.54
CA MET C 169 -8.94 24.96 -3.96
C MET C 169 -8.31 25.95 -4.93
N ARG C 170 -7.15 26.51 -4.56
CA ARG C 170 -6.45 27.43 -5.45
C ARG C 170 -6.21 26.79 -6.80
N HIS C 171 -5.62 25.59 -6.81
CA HIS C 171 -5.35 24.91 -8.06
C HIS C 171 -6.64 24.65 -8.83
N VAL C 172 -7.72 24.31 -8.11
CA VAL C 172 -8.99 24.10 -8.78
C VAL C 172 -9.42 25.36 -9.50
N LYS C 173 -9.27 26.52 -8.86
CA LYS C 173 -9.55 27.78 -9.54
C LYS C 173 -8.75 27.88 -10.83
N GLU C 174 -7.46 27.57 -10.77
CA GLU C 174 -6.62 27.68 -11.96
C GLU C 174 -7.12 26.78 -13.08
N ARG C 175 -7.76 25.67 -12.72
CA ARG C 175 -8.29 24.77 -13.74
C ARG C 175 -9.70 25.17 -14.15
N TYR C 176 -10.44 25.83 -13.27
CA TYR C 176 -11.85 26.10 -13.52
C TYR C 176 -12.04 26.96 -14.76
N LEU C 177 -11.20 27.99 -14.92
CA LEU C 177 -11.31 28.87 -16.08
C LEU C 177 -10.95 28.15 -17.37
N VAL C 178 -10.23 27.04 -17.28
CA VAL C 178 -9.79 26.34 -18.48
C VAL C 178 -10.96 25.67 -19.20
N TYR C 179 -11.89 25.10 -18.45
CA TYR C 179 -12.91 24.24 -19.01
C TYR C 179 -14.10 25.04 -19.53
N PRO C 180 -14.85 24.49 -20.49
CA PRO C 180 -15.98 25.21 -21.05
C PRO C 180 -17.10 25.33 -20.04
N PRO C 181 -18.08 26.20 -20.29
CA PRO C 181 -19.14 26.44 -19.30
C PRO C 181 -19.93 25.21 -18.87
N LYS C 182 -20.12 24.22 -19.74
CA LYS C 182 -20.84 23.02 -19.31
C LYS C 182 -19.98 22.15 -18.39
N CYS C 183 -18.75 21.87 -18.80
CA CYS C 183 -17.80 21.24 -17.90
C CYS C 183 -17.59 22.09 -16.66
N GLN C 184 -17.66 23.42 -16.81
CA GLN C 184 -17.55 24.31 -15.65
C GLN C 184 -18.71 24.10 -14.70
N ARG C 185 -19.92 23.88 -15.23
CA ARG C 185 -21.07 23.64 -14.37
C ARG C 185 -20.92 22.34 -13.58
N TRP C 186 -20.52 21.27 -14.27
CA TRP C 186 -20.33 20.00 -13.58
C TRP C 186 -19.21 20.10 -12.56
N LEU C 187 -18.11 20.77 -12.92
CA LEU C 187 -17.02 20.98 -11.98
C LEU C 187 -17.43 21.83 -10.80
N PHE C 188 -18.27 22.84 -11.01
CA PHE C 188 -18.75 23.67 -9.92
C PHE C 188 -19.57 22.85 -8.94
N TRP C 189 -20.47 22.00 -9.46
CA TRP C 189 -21.28 21.20 -8.55
C TRP C 189 -20.48 20.12 -7.85
N ALA C 190 -19.40 19.64 -8.47
CA ALA C 190 -18.52 18.71 -7.77
C ALA C 190 -17.66 19.41 -6.72
N CYS C 191 -17.18 20.62 -7.01
CA CYS C 191 -16.38 21.37 -6.05
C CYS C 191 -17.22 21.87 -4.89
N VAL C 192 -18.50 22.14 -5.11
CA VAL C 192 -19.39 22.45 -4.00
C VAL C 192 -19.42 21.29 -3.01
N ILE C 193 -19.61 20.07 -3.53
CA ILE C 193 -19.59 18.89 -2.67
C ILE C 193 -18.26 18.77 -1.95
N PHE C 194 -17.16 18.86 -2.70
CA PHE C 194 -15.83 18.74 -2.10
C PHE C 194 -15.65 19.74 -0.97
N PHE C 195 -15.69 21.04 -1.30
CA PHE C 195 -15.26 22.07 -0.36
C PHE C 195 -16.36 22.42 0.64
N GLY C 196 -17.54 21.81 0.54
CA GLY C 196 -18.54 21.99 1.55
C GLY C 196 -18.79 20.78 2.41
N PHE C 197 -18.31 19.60 2.00
CA PHE C 197 -18.52 18.38 2.75
C PHE C 197 -17.25 17.82 3.37
N TRP C 198 -16.09 17.99 2.72
CA TRP C 198 -14.84 17.62 3.37
C TRP C 198 -14.60 18.38 4.66
N PRO C 199 -14.86 19.70 4.77
CA PRO C 199 -14.73 20.38 6.06
C PRO C 199 -15.68 19.87 7.13
N MET C 200 -16.76 19.15 6.76
CA MET C 200 -17.72 18.70 7.75
C MET C 200 -17.11 17.72 8.74
N PHE C 201 -16.24 16.83 8.27
CA PHE C 201 -15.65 15.79 9.11
C PHE C 201 -14.87 16.39 10.28
N PRO C 202 -13.99 17.38 10.07
CA PRO C 202 -13.36 18.04 11.23
C PRO C 202 -14.35 18.66 12.19
N ILE C 203 -15.42 19.27 11.68
CA ILE C 203 -16.43 19.83 12.57
C ILE C 203 -17.19 18.73 13.30
N LEU C 204 -17.45 17.62 12.61
CA LEU C 204 -18.14 16.51 13.25
C LEU C 204 -17.30 15.90 14.36
N PHE C 205 -15.98 15.93 14.22
CA PHE C 205 -15.12 15.43 15.29
C PHE C 205 -15.34 16.21 16.59
N ILE C 206 -15.46 17.53 16.50
CA ILE C 206 -15.53 18.37 17.68
C ILE C 206 -16.78 18.06 18.51
N PHE C 207 -17.91 17.84 17.84
CA PHE C 207 -19.17 17.62 18.52
C PHE C 207 -19.50 16.15 18.71
N SER C 208 -18.59 15.25 18.34
CA SER C 208 -18.80 13.83 18.55
C SER C 208 -18.61 13.47 20.01
N TRP C 209 -18.78 12.18 20.32
CA TRP C 209 -18.56 11.69 21.68
C TRP C 209 -17.12 11.87 22.13
N LEU C 210 -16.17 11.97 21.20
CA LEU C 210 -14.78 12.22 21.52
C LEU C 210 -14.47 13.70 21.70
N GLY C 211 -15.47 14.56 21.52
CA GLY C 211 -15.30 15.98 21.72
C GLY C 211 -16.27 16.50 22.76
N THR C 212 -17.13 17.44 22.37
CA THR C 212 -18.13 17.99 23.27
C THR C 212 -19.22 16.98 23.64
N GLY C 213 -19.32 15.86 22.93
CA GLY C 213 -20.28 14.83 23.28
C GLY C 213 -21.69 15.10 22.82
N HIS C 214 -21.88 15.85 21.73
CA HIS C 214 -23.21 16.17 21.22
C HIS C 214 -23.74 15.14 20.23
N ILE C 215 -22.86 14.50 19.46
CA ILE C 215 -23.25 13.52 18.45
C ILE C 215 -22.81 12.15 18.93
N SER C 216 -23.75 11.21 19.00
CA SER C 216 -23.45 9.86 19.40
C SER C 216 -22.75 9.12 18.26
N GLN C 217 -22.24 7.92 18.57
CA GLN C 217 -21.57 7.12 17.55
C GLN C 217 -22.57 6.60 16.52
N GLN C 218 -23.80 6.28 16.93
CA GLN C 218 -24.81 5.86 15.98
C GLN C 218 -25.14 6.97 14.99
N ALA C 219 -25.38 8.18 15.51
CA ALA C 219 -25.61 9.33 14.65
C ALA C 219 -24.39 9.62 13.79
N PHE C 220 -23.20 9.41 14.34
CA PHE C 220 -21.98 9.56 13.54
C PHE C 220 -21.96 8.58 12.37
N TYR C 221 -22.34 7.33 12.61
CA TYR C 221 -22.38 6.34 11.54
C TYR C 221 -23.38 6.72 10.47
N ILE C 222 -24.57 7.19 10.87
CA ILE C 222 -25.57 7.58 9.88
C ILE C 222 -25.10 8.79 9.08
N ILE C 223 -24.53 9.79 9.77
CA ILE C 223 -24.05 10.99 9.09
C ILE C 223 -22.95 10.65 8.10
N HIS C 224 -22.02 9.79 8.50
CA HIS C 224 -20.93 9.41 7.60
C HIS C 224 -21.40 8.50 6.48
N ALA C 225 -22.46 7.72 6.69
CA ALA C 225 -23.06 6.99 5.59
C ALA C 225 -23.63 7.94 4.54
N PHE C 226 -24.34 8.99 4.98
CA PHE C 226 -24.82 9.99 4.04
C PHE C 226 -23.67 10.71 3.35
N LEU C 227 -22.62 11.06 4.11
CA LEU C 227 -21.46 11.73 3.52
C LEU C 227 -20.76 10.88 2.48
N ASP C 228 -20.57 9.58 2.75
CA ASP C 228 -20.02 8.66 1.77
C ASP C 228 -20.93 8.47 0.56
N LEU C 229 -22.24 8.52 0.77
CA LEU C 229 -23.15 8.59 -0.37
C LEU C 229 -22.89 9.82 -1.22
N THR C 230 -22.58 10.96 -0.58
CA THR C 230 -22.33 12.19 -1.31
C THR C 230 -20.87 12.29 -1.78
N CYS C 231 -19.92 12.01 -0.90
CA CYS C 231 -18.51 12.25 -1.21
C CYS C 231 -17.94 11.21 -2.17
N LYS C 232 -18.46 9.97 -2.12
CA LYS C 232 -18.03 8.96 -3.07
C LYS C 232 -18.95 8.90 -4.30
N SER C 233 -20.23 8.62 -4.08
CA SER C 233 -21.11 8.27 -5.18
C SER C 233 -21.53 9.49 -5.99
N ILE C 234 -22.11 10.50 -5.33
CA ILE C 234 -22.57 11.68 -6.05
C ILE C 234 -21.39 12.41 -6.66
N PHE C 235 -20.28 12.52 -5.91
CA PHE C 235 -19.09 13.17 -6.44
C PHE C 235 -18.52 12.40 -7.63
N GLY C 236 -18.52 11.07 -7.56
CA GLY C 236 -18.06 10.27 -8.69
C GLY C 236 -18.96 10.40 -9.90
N ILE C 237 -20.27 10.48 -9.69
CA ILE C 237 -21.19 10.69 -10.81
C ILE C 237 -20.95 12.05 -11.45
N LEU C 238 -20.75 13.08 -10.62
CA LEU C 238 -20.46 14.40 -11.16
C LEU C 238 -19.13 14.43 -11.90
N MET C 239 -18.11 13.74 -11.39
CA MET C 239 -16.85 13.60 -12.10
C MET C 239 -17.00 12.86 -13.43
N THR C 240 -17.81 11.79 -13.45
CA THR C 240 -18.04 11.06 -14.69
C THR C 240 -18.75 11.93 -15.72
N VAL C 241 -19.75 12.70 -15.29
CA VAL C 241 -20.46 13.58 -16.21
C VAL C 241 -19.55 14.72 -16.68
N PHE C 242 -18.70 15.24 -15.79
CA PHE C 242 -17.73 16.25 -16.19
C PHE C 242 -16.75 15.69 -17.22
N ARG C 243 -16.28 14.45 -17.01
CA ARG C 243 -15.39 13.82 -17.98
C ARG C 243 -16.10 13.59 -19.31
N LEU C 244 -17.37 13.18 -19.29
CA LEU C 244 -18.12 13.01 -20.52
C LEU C 244 -18.28 14.33 -21.27
N GLU C 245 -18.59 15.41 -20.55
CA GLU C 245 -18.69 16.71 -21.19
C GLU C 245 -17.35 17.18 -21.74
N LEU C 246 -16.27 16.95 -21.01
CA LEU C 246 -14.94 17.31 -21.49
C LEU C 246 -14.56 16.52 -22.72
N GLU C 247 -14.87 15.22 -22.75
CA GLU C 247 -14.57 14.40 -23.91
C GLU C 247 -15.42 14.80 -25.10
N GLU C 248 -16.67 15.20 -24.86
CA GLU C 248 -17.51 15.68 -25.95
C GLU C 248 -16.97 16.97 -26.53
N HIS C 249 -16.48 17.87 -25.66
CA HIS C 249 -15.92 19.12 -26.14
C HIS C 249 -14.61 18.93 -26.87
N THR C 250 -13.68 18.15 -26.30
CA THR C 250 -12.32 18.11 -26.80
C THR C 250 -12.03 16.93 -27.71
N GLU C 251 -12.73 15.82 -27.54
CA GLU C 251 -12.49 14.63 -28.37
C GLU C 251 -13.53 14.43 -29.45
N VAL C 252 -14.82 14.54 -29.12
CA VAL C 252 -15.87 14.36 -30.12
C VAL C 252 -15.95 15.55 -31.06
N GLN C 253 -15.90 16.77 -30.51
CA GLN C 253 -15.91 17.98 -31.33
C GLN C 253 -14.52 18.51 -31.65
N GLY C 254 -13.50 18.05 -30.94
CA GLY C 254 -12.15 18.51 -31.20
C GLY C 254 -11.88 19.95 -30.85
N LEU C 255 -12.76 20.57 -30.06
CA LEU C 255 -12.59 21.96 -29.69
C LEU C 255 -11.52 22.11 -28.61
N PRO C 256 -10.83 23.25 -28.58
CA PRO C 256 -9.78 23.45 -27.58
C PRO C 256 -10.33 23.99 -26.27
N LEU C 257 -9.54 23.79 -25.21
CA LEU C 257 -9.85 24.35 -23.90
C LEU C 257 -9.50 25.83 -23.86
N ASN C 258 -10.08 26.53 -22.88
CA ASN C 258 -9.76 27.94 -22.67
C ASN C 258 -8.46 28.13 -21.89
N GLU C 259 -7.37 27.54 -22.34
CA GLU C 259 -6.11 27.59 -21.63
C GLU C 259 -5.14 28.56 -22.29
K K D . 9.42 8.75 12.07
K K E . 9.77 2.32 16.76
K K F . 14.10 12.46 2.16
K K G . 15.64 11.69 -0.12
K K H . 8.24 -1.34 22.25
K K I . 4.62 1.23 15.80
K K J . 13.75 12.58 -8.81
K K K . 11.50 17.12 -2.84
C1 RET L . 17.00 -4.35 10.52
C2 RET L . 16.84 -5.74 11.15
C3 RET L . 16.68 -6.92 10.20
C4 RET L . 17.73 -6.91 9.11
C5 RET L . 18.23 -5.57 8.70
C6 RET L . 17.72 -4.40 9.17
C7 RET L . 17.88 -3.22 8.31
C8 RET L . 17.55 -1.93 8.53
C9 RET L . 17.73 -0.79 7.65
C10 RET L . 17.08 0.34 8.04
C11 RET L . 17.05 1.63 7.41
C12 RET L . 16.44 2.67 8.00
C13 RET L . 16.34 4.03 7.48
C14 RET L . 15.57 4.92 8.14
C15 RET L . 15.38 6.29 7.74
O1 RET L . 14.43 6.98 8.08
C16 RET L . 15.56 -3.82 10.39
C17 RET L . 17.77 -3.49 11.55
C18 RET L . 19.30 -5.66 7.65
C19 RET L . 18.57 -0.91 6.43
C20 RET L . 17.14 4.36 6.26
K K M . 3.70 -17.22 1.16
K K N . -2.33 -18.39 6.24
K K O . 5.18 -15.17 -10.13
K K P . 3.87 -14.48 -12.56
K K Q . -5.06 -19.71 12.31
K K R . -1.10 -13.88 8.87
K K S . 5.60 -7.83 -18.26
K K T . 10.57 -11.68 -13.62
C1 RET U . -11.36 -17.04 -0.98
C2 RET U . -12.56 -16.88 -0.04
C3 RET U . -13.53 -15.77 -0.34
C4 RET U . -13.97 -15.77 -1.80
C5 RET U . -12.96 -16.29 -2.77
C6 RET U . -11.70 -16.63 -2.42
C7 RET U . -10.69 -16.57 -3.49
C8 RET U . -9.38 -16.92 -3.48
C9 RET U . -8.41 -16.84 -4.56
C10 RET U . -7.12 -17.02 -4.19
C11 RET U . -5.93 -17.02 -4.98
C12 RET U . -4.73 -17.33 -4.45
C13 RET U . -3.47 -17.38 -5.16
C14 RET U . -2.34 -17.57 -4.43
C15 RET U . -1.01 -17.64 -4.99
O1 RET U . 0.01 -17.43 -4.35
C16 RET U . -10.28 -16.15 -0.37
C17 RET U . -10.92 -18.51 -0.89
C18 RET U . -13.49 -16.30 -4.18
C19 RET U . -8.87 -16.59 -5.95
C20 RET U . -3.48 -17.23 -6.64
K K V . -17.21 2.40 3.30
K K W . -15.76 3.58 11.05
K K X . -15.83 8.07 -6.69
K K Y . -14.63 10.33 -7.91
K K Z . -15.88 1.92 17.62
K K AA . -12.24 -0.47 11.10
K K BA . -9.26 10.66 -15.06
K K CA . -14.92 5.52 -13.47
C1 RET DA . -10.60 14.00 10.58
C2 RET DA . -9.95 14.15 11.97
C3 RET DA . -8.51 14.65 12.02
C4 RET DA . -8.31 15.89 11.18
C5 RET DA . -9.20 16.00 9.98
C6 RET DA . -10.06 15.03 9.58
C7 RET DA . -10.43 15.02 8.15
C8 RET DA . -11.28 14.23 7.48
C9 RET DA . -11.62 14.25 6.07
C10 RET DA . -12.34 13.19 5.62
C11 RET DA . -12.84 12.91 4.32
C12 RET DA . -13.64 11.84 4.09
C13 RET DA . -14.20 11.46 2.82
C14 RET DA . -14.87 10.28 2.74
C15 RET DA . -15.50 9.75 1.55
O1 RET DA . -15.76 8.59 1.37
C16 RET DA . -10.26 12.56 10.16
C17 RET DA . -12.10 14.14 10.79
C18 RET DA . -8.96 17.28 9.23
C19 RET DA . -11.18 15.40 5.22
C20 RET DA . -14.06 12.39 1.67
#